data_7M5N
#
_entry.id   7M5N
#
_cell.length_a   83.365
_cell.length_b   83.365
_cell.length_c   181.155
_cell.angle_alpha   90.000
_cell.angle_beta   90.000
_cell.angle_gamma   120.000
#
_symmetry.space_group_name_H-M   'P 31 2 1'
#
loop_
_entity.id
_entity.type
_entity.pdbx_description
1 polymer 'Proliferating cell nuclear antigen'
2 polymer 'Peptide mimetic (ACE)RQCSMTCFYHSK(NH2) with linker'
3 non-polymer 1,3-dimethylbenzene
#
loop_
_entity_poly.entity_id
_entity_poly.type
_entity_poly.pdbx_seq_one_letter_code
_entity_poly.pdbx_strand_id
1 'polypeptide(L)'
;MFEARLVQGSILKKVLEALKDLINEACWDISSSGVNLQSMDSSHVSLVQLTLRSEGFDTYRCDRNLAMGVNLTSMSKILK
CAGNEDIITLRAEDNADTLALVFEAPNQEKVSDYEMKLMDLDVEQLGIPEQEYSCVVKMPSGEFARICRDLSHIGDAVVI
SCAKDGVKFSASGELGNGNIKLSQTSNVDKEEEAVTIEMNEPVQLTFALRYLNFFTKATPLSSTVTLSMSADVPLVVEYK
IADMGHLKYYLAPKIEDEE
;
A,B,C
2 'polypeptide(L)' (ACE)RQCSMTCFYHSK(NH2) E,D
#
loop_
_chem_comp.id
_chem_comp.type
_chem_comp.name
_chem_comp.formula
8VH non-polymer 1,3-dimethylbenzene 'C8 H10'
ACE non-polymer 'ACETYL GROUP' 'C2 H4 O'
NH2 non-polymer 'AMINO GROUP' 'H2 N'
#
# COMPACT_ATOMS: atom_id res chain seq x y z
N MET A 1 -7.89 -34.29 -24.57
CA MET A 1 -6.66 -35.04 -24.34
C MET A 1 -5.46 -34.10 -24.37
N PHE A 2 -5.46 -33.15 -23.45
CA PHE A 2 -4.35 -32.22 -23.29
C PHE A 2 -3.28 -32.88 -22.42
N GLU A 3 -2.02 -32.80 -22.86
CA GLU A 3 -0.90 -33.36 -22.10
C GLU A 3 0.33 -32.55 -22.46
N ALA A 4 0.82 -31.76 -21.51
CA ALA A 4 2.01 -30.94 -21.69
C ALA A 4 3.04 -31.26 -20.62
N ARG A 5 4.19 -31.78 -21.05
CA ARG A 5 5.35 -31.99 -20.19
C ARG A 5 6.34 -30.86 -20.38
N LEU A 6 6.71 -30.22 -19.27
CA LEU A 6 7.70 -29.15 -19.21
C LEU A 6 8.65 -29.50 -18.09
N VAL A 7 9.95 -29.28 -18.29
CA VAL A 7 10.94 -29.78 -17.36
C VAL A 7 11.35 -28.73 -16.33
N GLN A 8 11.46 -27.47 -16.74
CA GLN A 8 11.77 -26.41 -15.77
C GLN A 8 10.43 -25.86 -15.30
N GLY A 9 9.93 -26.43 -14.22
CA GLY A 9 8.67 -25.97 -13.68
C GLY A 9 8.75 -24.66 -12.95
N SER A 10 9.97 -24.22 -12.63
CA SER A 10 10.16 -22.90 -12.04
C SER A 10 9.42 -21.86 -12.86
N ILE A 11 9.55 -21.94 -14.19
CA ILE A 11 8.84 -21.02 -15.07
C ILE A 11 7.35 -21.05 -14.76
N LEU A 12 6.76 -22.24 -14.82
CA LEU A 12 5.34 -22.38 -14.52
C LEU A 12 5.07 -21.95 -13.10
N LYS A 13 5.99 -22.27 -12.19
CA LYS A 13 5.86 -21.78 -10.82
C LYS A 13 5.84 -20.25 -10.81
N LYS A 14 6.85 -19.63 -11.44
CA LYS A 14 6.99 -18.18 -11.41
C LYS A 14 5.75 -17.50 -11.97
N VAL A 15 5.25 -17.99 -13.10
CA VAL A 15 4.08 -17.39 -13.73
C VAL A 15 2.93 -17.33 -12.74
N LEU A 16 2.70 -18.44 -12.01
CA LEU A 16 1.62 -18.42 -11.03
C LEU A 16 1.84 -17.32 -10.01
N GLU A 17 3.05 -17.27 -9.42
CA GLU A 17 3.35 -16.21 -8.46
C GLU A 17 3.14 -14.83 -9.08
N ALA A 18 3.36 -14.71 -10.38
CA ALA A 18 3.11 -13.44 -11.06
C ALA A 18 1.62 -13.12 -11.06
N LEU A 19 0.79 -14.07 -11.52
CA LEU A 19 -0.62 -13.81 -11.77
C LEU A 19 -1.53 -14.21 -10.63
N LYS A 20 -1.00 -14.81 -9.56
CA LYS A 20 -1.84 -15.27 -8.47
C LYS A 20 -2.65 -14.14 -7.84
N ASP A 21 -2.03 -12.97 -7.68
CA ASP A 21 -2.66 -11.91 -6.91
C ASP A 21 -3.51 -10.96 -7.74
N LEU A 22 -3.15 -10.75 -9.02
CA LEU A 22 -3.90 -9.80 -9.83
C LEU A 22 -5.24 -10.38 -10.27
N ILE A 23 -5.21 -11.55 -10.89
CA ILE A 23 -6.43 -12.22 -11.36
C ILE A 23 -6.75 -13.36 -10.41
N ASN A 24 -8.04 -13.47 -10.06
CA ASN A 24 -8.55 -14.54 -9.22
C ASN A 24 -9.02 -15.72 -10.05
N GLU A 25 -9.92 -15.47 -11.00
CA GLU A 25 -10.45 -16.48 -11.89
C GLU A 25 -9.99 -16.17 -13.30
N ALA A 26 -9.53 -17.20 -14.01
CA ALA A 26 -9.01 -17.03 -15.37
C ALA A 26 -9.56 -18.15 -16.24
N CYS A 27 -9.31 -18.03 -17.54
CA CYS A 27 -9.77 -19.01 -18.53
CA CYS A 27 -9.77 -19.03 -18.51
C CYS A 27 -8.61 -19.32 -19.46
N TRP A 28 -8.05 -20.52 -19.32
CA TRP A 28 -6.94 -20.98 -20.16
C TRP A 28 -7.49 -21.57 -21.44
N ASP A 29 -7.18 -20.93 -22.57
CA ASP A 29 -7.50 -21.44 -23.88
C ASP A 29 -6.35 -22.31 -24.36
N ILE A 30 -6.57 -23.61 -24.40
CA ILE A 30 -5.56 -24.59 -24.80
C ILE A 30 -5.84 -24.96 -26.25
N SER A 31 -4.80 -24.91 -27.08
CA SER A 31 -4.90 -25.26 -28.49
C SER A 31 -3.62 -25.99 -28.89
N SER A 32 -3.54 -26.34 -30.17
CA SER A 32 -2.34 -27.00 -30.69
C SER A 32 -1.15 -26.07 -30.81
N SER A 33 -1.33 -24.77 -30.55
CA SER A 33 -0.25 -23.80 -30.61
C SER A 33 0.39 -23.53 -29.25
N GLY A 34 -0.40 -23.45 -28.19
CA GLY A 34 0.17 -23.27 -26.86
C GLY A 34 -0.92 -22.92 -25.87
N VAL A 35 -0.47 -22.64 -24.64
CA VAL A 35 -1.38 -22.18 -23.59
C VAL A 35 -1.43 -20.66 -23.60
N ASN A 36 -2.65 -20.11 -23.68
CA ASN A 36 -2.87 -18.68 -23.82
C ASN A 36 -3.88 -18.21 -22.79
N LEU A 37 -3.50 -17.20 -22.01
CA LEU A 37 -4.38 -16.56 -21.05
C LEU A 37 -4.51 -15.08 -21.39
N GLN A 38 -5.72 -14.54 -21.25
CA GLN A 38 -5.92 -13.11 -21.48
C GLN A 38 -7.11 -12.67 -20.63
N SER A 39 -6.83 -11.86 -19.60
CA SER A 39 -7.89 -11.49 -18.66
C SER A 39 -7.68 -10.07 -18.15
N MET A 40 -8.66 -9.60 -17.38
CA MET A 40 -8.62 -8.31 -16.70
C MET A 40 -8.76 -8.53 -15.19
N ASP A 41 -8.86 -7.43 -14.45
CA ASP A 41 -9.02 -7.47 -13.01
C ASP A 41 -10.45 -7.13 -12.63
N SER A 42 -10.66 -6.84 -11.34
CA SER A 42 -12.02 -6.63 -10.83
C SER A 42 -12.64 -5.35 -11.39
N SER A 43 -11.90 -4.24 -11.36
CA SER A 43 -12.43 -2.95 -11.78
C SER A 43 -12.09 -2.62 -13.23
N HIS A 44 -11.59 -3.60 -13.99
CA HIS A 44 -11.25 -3.42 -15.41
C HIS A 44 -10.33 -2.23 -15.62
N VAL A 45 -9.13 -2.34 -15.06
CA VAL A 45 -8.10 -1.30 -15.17
C VAL A 45 -6.86 -1.83 -15.86
N SER A 46 -6.51 -3.09 -15.65
CA SER A 46 -5.32 -3.68 -16.21
C SER A 46 -5.71 -4.91 -17.03
N LEU A 47 -4.73 -5.41 -17.79
CA LEU A 47 -4.98 -6.55 -18.66
C LEU A 47 -3.72 -7.40 -18.70
N VAL A 48 -3.90 -8.72 -18.68
CA VAL A 48 -2.80 -9.68 -18.68
C VAL A 48 -2.94 -10.57 -19.90
N GLN A 49 -1.83 -10.76 -20.61
CA GLN A 49 -1.73 -11.60 -21.81
C GLN A 49 -0.52 -12.50 -21.60
N LEU A 50 -0.78 -13.76 -21.26
CA LEU A 50 0.26 -14.76 -21.09
C LEU A 50 0.22 -15.70 -22.29
N THR A 51 1.39 -15.99 -22.87
CA THR A 51 1.45 -16.88 -24.02
C THR A 51 2.67 -17.78 -23.86
N LEU A 52 2.43 -19.07 -23.66
CA LEU A 52 3.48 -20.07 -23.67
C LEU A 52 3.26 -21.00 -24.86
N ARG A 53 4.32 -21.28 -25.61
CA ARG A 53 4.18 -21.88 -26.93
C ARG A 53 4.59 -23.35 -26.91
N SER A 54 4.06 -24.07 -27.90
CA SER A 54 4.27 -25.51 -28.01
C SER A 54 5.76 -25.87 -28.02
N GLU A 55 6.56 -25.10 -28.76
CA GLU A 55 7.98 -25.41 -28.90
C GLU A 55 8.75 -25.28 -27.60
N GLY A 56 8.20 -24.57 -26.61
CA GLY A 56 8.86 -24.44 -25.32
C GLY A 56 8.71 -25.66 -24.44
N PHE A 57 7.55 -26.31 -24.50
CA PHE A 57 7.33 -27.54 -23.74
C PHE A 57 8.17 -28.68 -24.31
N ASP A 58 8.58 -29.60 -23.44
CA ASP A 58 9.32 -30.76 -23.92
C ASP A 58 8.41 -31.80 -24.56
N THR A 59 7.14 -31.84 -24.19
CA THR A 59 6.20 -32.75 -24.87
C THR A 59 4.81 -32.12 -24.85
N TYR A 60 4.43 -31.47 -25.94
CA TYR A 60 3.10 -30.88 -26.06
C TYR A 60 2.25 -31.79 -26.92
N ARG A 61 1.04 -32.11 -26.44
CA ARG A 61 0.09 -32.94 -27.18
C ARG A 61 -1.30 -32.42 -26.89
N CYS A 62 -1.97 -31.91 -27.92
CA CYS A 62 -3.33 -31.42 -27.82
C CYS A 62 -4.17 -32.05 -28.92
N ASP A 63 -5.43 -32.32 -28.61
CA ASP A 63 -6.35 -32.96 -29.53
C ASP A 63 -7.50 -32.04 -29.93
N ARG A 64 -8.17 -31.42 -28.97
CA ARG A 64 -9.25 -30.49 -29.24
C ARG A 64 -9.04 -29.21 -28.46
N ASN A 65 -9.66 -28.14 -28.93
CA ASN A 65 -9.56 -26.84 -28.29
C ASN A 65 -10.24 -26.87 -26.92
N LEU A 66 -9.46 -26.68 -25.86
CA LEU A 66 -9.96 -26.73 -24.50
C LEU A 66 -10.10 -25.33 -23.90
N ALA A 67 -11.21 -25.11 -23.20
CA ALA A 67 -11.48 -23.84 -22.51
C ALA A 67 -11.63 -24.16 -21.03
N MET A 68 -10.56 -23.91 -20.26
CA MET A 68 -10.50 -24.33 -18.86
C MET A 68 -10.76 -23.14 -17.94
N GLY A 69 -11.64 -23.33 -16.96
CA GLY A 69 -11.89 -22.30 -15.97
C GLY A 69 -11.07 -22.54 -14.73
N VAL A 70 -10.03 -21.72 -14.52
CA VAL A 70 -9.06 -21.96 -13.46
C VAL A 70 -9.21 -20.92 -12.37
N ASN A 71 -8.94 -21.33 -11.13
CA ASN A 71 -8.85 -20.45 -9.97
C ASN A 71 -7.37 -20.30 -9.65
N LEU A 72 -6.75 -19.24 -10.18
CA LEU A 72 -5.30 -19.11 -10.12
C LEU A 72 -4.77 -19.10 -8.70
N THR A 73 -5.60 -18.82 -7.69
CA THR A 73 -5.14 -18.90 -6.30
C THR A 73 -4.93 -20.35 -5.88
N SER A 74 -5.94 -21.19 -6.12
CA SER A 74 -5.79 -22.62 -5.87
C SER A 74 -4.64 -23.20 -6.68
N MET A 75 -4.53 -22.80 -7.95
CA MET A 75 -3.46 -23.30 -8.79
C MET A 75 -2.08 -22.86 -8.26
N SER A 76 -1.97 -21.62 -7.79
CA SER A 76 -0.71 -21.16 -7.23
C SER A 76 -0.37 -21.94 -5.98
N LYS A 77 -1.38 -22.27 -5.17
CA LYS A 77 -1.12 -23.12 -4.01
C LYS A 77 -0.62 -24.49 -4.43
N ILE A 78 -1.20 -25.06 -5.49
CA ILE A 78 -0.79 -26.40 -5.93
C ILE A 78 0.64 -26.38 -6.48
N LEU A 79 1.01 -25.37 -7.25
CA LEU A 79 2.40 -25.23 -7.70
C LEU A 79 3.35 -24.72 -6.64
N LYS A 80 2.85 -24.27 -5.49
CA LYS A 80 3.76 -24.04 -4.37
C LYS A 80 4.40 -25.34 -3.92
N CYS A 81 3.67 -26.46 -4.02
CA CYS A 81 4.23 -27.79 -3.78
C CYS A 81 5.20 -28.24 -4.86
N ALA A 82 5.49 -27.41 -5.86
CA ALA A 82 6.36 -27.80 -6.96
C ALA A 82 7.81 -27.39 -6.68
N GLY A 83 8.73 -28.32 -6.92
CA GLY A 83 10.14 -27.98 -6.88
C GLY A 83 10.55 -27.14 -8.07
N ASN A 84 11.54 -26.27 -7.85
CA ASN A 84 11.99 -25.39 -8.92
C ASN A 84 12.68 -26.17 -10.04
N GLU A 85 13.24 -27.33 -9.74
CA GLU A 85 13.76 -28.24 -10.75
C GLU A 85 12.81 -29.37 -11.10
N ASP A 86 11.60 -29.36 -10.52
CA ASP A 86 10.62 -30.38 -10.80
C ASP A 86 10.10 -30.26 -12.23
N ILE A 87 9.70 -31.41 -12.79
CA ILE A 87 9.08 -31.49 -14.11
C ILE A 87 7.57 -31.53 -13.92
N ILE A 88 6.86 -30.64 -14.61
CA ILE A 88 5.43 -30.46 -14.44
C ILE A 88 4.73 -31.00 -15.68
N THR A 89 3.67 -31.77 -15.46
CA THR A 89 2.85 -32.32 -16.52
C THR A 89 1.43 -31.84 -16.29
N LEU A 90 0.95 -31.02 -17.22
CA LEU A 90 -0.44 -30.61 -17.31
C LEU A 90 -1.21 -31.66 -18.10
N ARG A 91 -2.42 -31.97 -17.65
CA ARG A 91 -3.15 -33.02 -18.34
C ARG A 91 -4.65 -32.82 -18.13
N ALA A 92 -5.42 -33.21 -19.13
CA ALA A 92 -6.87 -33.14 -19.09
C ALA A 92 -7.44 -34.00 -20.20
N GLU A 93 -8.70 -34.39 -20.03
CA GLU A 93 -9.41 -35.13 -21.06
C GLU A 93 -10.21 -34.16 -21.92
N ASP A 94 -10.53 -34.60 -23.13
CA ASP A 94 -11.21 -33.74 -24.11
C ASP A 94 -12.39 -32.99 -23.52
N ASN A 95 -13.10 -33.60 -22.57
CA ASN A 95 -14.29 -33.00 -22.00
C ASN A 95 -14.22 -32.93 -20.47
N ALA A 96 -13.13 -33.39 -19.87
CA ALA A 96 -13.06 -33.50 -18.41
C ALA A 96 -13.18 -32.13 -17.74
N ASP A 97 -13.68 -32.16 -16.50
CA ASP A 97 -13.88 -30.97 -15.69
C ASP A 97 -12.82 -30.84 -14.59
N THR A 98 -11.67 -31.51 -14.77
CA THR A 98 -10.58 -31.45 -13.80
C THR A 98 -9.26 -31.41 -14.55
N LEU A 99 -8.35 -30.57 -14.05
CA LEU A 99 -7.01 -30.46 -14.61
C LEU A 99 -6.02 -31.19 -13.70
N ALA A 100 -5.20 -32.05 -14.28
CA ALA A 100 -4.27 -32.86 -13.53
C ALA A 100 -2.89 -32.25 -13.63
N LEU A 101 -2.25 -32.07 -12.48
CA LEU A 101 -0.88 -31.59 -12.38
C LEU A 101 -0.02 -32.70 -11.80
N VAL A 102 1.11 -32.94 -12.45
CA VAL A 102 2.00 -34.02 -12.04
C VAL A 102 3.38 -33.42 -11.87
N PHE A 103 3.86 -33.38 -10.63
CA PHE A 103 5.19 -32.87 -10.32
C PHE A 103 6.12 -34.05 -10.07
N GLU A 104 7.24 -34.07 -10.78
CA GLU A 104 8.12 -35.22 -10.71
C GLU A 104 9.56 -34.74 -10.57
N ALA A 105 10.27 -35.30 -9.62
CA ALA A 105 11.61 -34.90 -9.23
C ALA A 105 12.64 -35.38 -10.26
N PRO A 106 13.72 -34.62 -10.46
CA PRO A 106 14.76 -35.08 -11.40
C PRO A 106 15.21 -36.51 -11.13
N ASN A 107 15.49 -36.85 -9.88
CA ASN A 107 15.76 -38.24 -9.52
C ASN A 107 14.40 -38.92 -9.37
N GLN A 108 14.10 -39.84 -10.28
CA GLN A 108 12.76 -40.40 -10.36
C GLN A 108 12.39 -41.19 -9.13
N GLU A 109 12.17 -40.51 -8.00
CA GLU A 109 11.82 -41.16 -6.76
C GLU A 109 10.67 -40.52 -6.03
N LYS A 110 10.19 -39.35 -6.48
CA LYS A 110 9.01 -38.73 -5.89
C LYS A 110 8.10 -38.26 -7.02
N VAL A 111 6.82 -38.60 -6.92
CA VAL A 111 5.83 -38.24 -7.94
C VAL A 111 4.61 -37.70 -7.20
N SER A 112 4.46 -36.38 -7.20
CA SER A 112 3.29 -35.73 -6.63
C SER A 112 2.20 -35.62 -7.69
N ASP A 113 0.97 -35.93 -7.31
CA ASP A 113 -0.16 -36.03 -8.22
C ASP A 113 -1.33 -35.23 -7.67
N TYR A 114 -1.61 -34.07 -8.28
CA TYR A 114 -2.68 -33.20 -7.85
C TYR A 114 -3.73 -33.08 -8.95
N GLU A 115 -4.98 -32.83 -8.55
CA GLU A 115 -6.09 -32.72 -9.51
C GLU A 115 -6.98 -31.57 -9.08
N MET A 116 -7.01 -30.51 -9.88
CA MET A 116 -7.71 -29.27 -9.59
C MET A 116 -9.05 -29.21 -10.30
N LYS A 117 -10.05 -28.66 -9.62
CA LYS A 117 -11.35 -28.42 -10.23
C LYS A 117 -11.29 -27.30 -11.26
N LEU A 118 -11.95 -27.51 -12.40
CA LEU A 118 -12.24 -26.42 -13.33
C LEU A 118 -13.66 -25.93 -13.07
N MET A 119 -14.01 -24.79 -13.67
CA MET A 119 -15.35 -24.24 -13.46
C MET A 119 -15.90 -23.69 -14.77
N ASP A 120 -17.06 -23.05 -14.67
CA ASP A 120 -17.77 -22.56 -15.85
C ASP A 120 -17.12 -21.28 -16.38
N LEU A 121 -16.63 -21.33 -17.60
CA LEU A 121 -16.00 -20.17 -18.22
C LEU A 121 -17.06 -19.14 -18.63
N ASP A 122 -16.71 -17.87 -18.52
CA ASP A 122 -17.58 -16.78 -18.96
C ASP A 122 -16.77 -15.51 -19.16
N VAL A 123 -15.80 -15.56 -20.08
CA VAL A 123 -14.84 -14.47 -20.28
C VAL A 123 -15.02 -13.91 -21.68
N GLU A 124 -15.01 -12.58 -21.79
CA GLU A 124 -15.06 -11.89 -23.07
C GLU A 124 -13.63 -11.58 -23.49
N GLN A 125 -13.10 -12.36 -24.43
CA GLN A 125 -11.71 -12.25 -24.84
C GLN A 125 -11.61 -11.21 -25.95
N LEU A 126 -11.34 -9.96 -25.57
CA LEU A 126 -11.19 -8.91 -26.57
C LEU A 126 -9.77 -8.93 -27.12
N GLY A 127 -9.60 -8.31 -28.29
CA GLY A 127 -8.30 -8.25 -28.94
C GLY A 127 -7.54 -6.98 -28.62
N ILE A 128 -6.24 -7.12 -28.48
CA ILE A 128 -5.32 -6.00 -28.30
C ILE A 128 -4.37 -5.97 -29.49
N PRO A 129 -4.62 -5.09 -30.47
CA PRO A 129 -3.71 -5.01 -31.61
C PRO A 129 -2.27 -4.70 -31.22
N GLU A 130 -1.37 -5.66 -31.44
CA GLU A 130 0.05 -5.38 -31.30
C GLU A 130 0.41 -4.24 -32.24
N GLN A 131 0.73 -3.09 -31.68
CA GLN A 131 0.84 -1.84 -32.43
C GLN A 131 2.23 -1.26 -32.23
N GLU A 132 2.51 -0.15 -32.93
CA GLU A 132 3.76 0.57 -32.78
C GLU A 132 3.54 1.77 -31.86
N TYR A 133 4.36 1.86 -30.82
CA TYR A 133 4.20 2.82 -29.75
C TYR A 133 5.21 3.95 -29.87
N SER A 134 4.82 5.13 -29.35
CA SER A 134 5.68 6.30 -29.42
C SER A 134 6.98 6.08 -28.65
N CYS A 135 6.88 5.77 -27.36
CA CYS A 135 8.07 5.56 -26.55
C CYS A 135 8.18 4.09 -26.14
N VAL A 136 9.41 3.57 -26.20
CA VAL A 136 9.71 2.18 -25.90
C VAL A 136 11.02 2.15 -25.11
N VAL A 137 10.95 1.84 -23.83
CA VAL A 137 12.11 1.71 -22.96
C VAL A 137 12.42 0.23 -22.79
N LYS A 138 13.70 -0.13 -22.78
CA LYS A 138 14.15 -1.50 -22.56
C LYS A 138 15.22 -1.47 -21.48
N MET A 139 14.85 -1.84 -20.26
CA MET A 139 15.75 -1.75 -19.12
C MET A 139 15.82 -3.08 -18.39
N PRO A 140 16.70 -3.22 -17.41
CA PRO A 140 16.64 -4.39 -16.53
C PRO A 140 15.42 -4.36 -15.63
N SER A 141 14.91 -5.55 -15.33
CA SER A 141 13.70 -5.65 -14.52
C SER A 141 13.94 -5.25 -13.07
N GLY A 142 15.16 -5.46 -12.55
CA GLY A 142 15.43 -5.15 -11.17
C GLY A 142 15.29 -3.67 -10.83
N GLU A 143 15.82 -2.81 -11.71
CA GLU A 143 15.73 -1.37 -11.46
C GLU A 143 14.30 -0.85 -11.61
N PHE A 144 13.54 -1.40 -12.56
CA PHE A 144 12.12 -1.06 -12.65
C PHE A 144 11.40 -1.47 -11.36
N ALA A 145 11.72 -2.66 -10.85
CA ALA A 145 11.16 -3.12 -9.59
C ALA A 145 11.48 -2.15 -8.47
N ARG A 146 12.75 -1.76 -8.37
CA ARG A 146 13.21 -0.77 -7.41
C ARG A 146 12.34 0.47 -7.50
N ILE A 147 12.39 1.15 -8.65
CA ILE A 147 11.68 2.43 -8.82
C ILE A 147 10.22 2.32 -8.42
N CYS A 148 9.54 1.24 -8.83
CA CYS A 148 8.13 1.12 -8.46
C CYS A 148 7.97 0.98 -6.95
N ARG A 149 8.79 0.14 -6.32
CA ARG A 149 8.73 -0.02 -4.87
C ARG A 149 9.00 1.30 -4.16
N ASP A 150 10.13 1.93 -4.49
CA ASP A 150 10.52 3.20 -3.90
C ASP A 150 9.42 4.25 -4.00
N LEU A 151 8.93 4.50 -5.22
CA LEU A 151 7.92 5.53 -5.42
C LEU A 151 6.54 5.12 -4.91
N SER A 152 6.33 3.85 -4.58
CA SER A 152 5.05 3.43 -4.02
C SER A 152 4.78 4.04 -2.65
N HIS A 153 5.82 4.50 -1.94
CA HIS A 153 5.63 5.10 -0.63
C HIS A 153 5.14 6.54 -0.68
N ILE A 154 5.38 7.26 -1.78
CA ILE A 154 5.07 8.69 -1.82
C ILE A 154 3.61 8.93 -2.14
N GLY A 155 3.10 8.29 -3.18
CA GLY A 155 1.74 8.51 -3.62
C GLY A 155 1.18 7.29 -4.32
N ASP A 156 -0.06 7.42 -4.79
CA ASP A 156 -0.75 6.33 -5.46
C ASP A 156 -0.60 6.38 -6.98
N ALA A 157 0.03 7.42 -7.51
CA ALA A 157 0.15 7.60 -8.94
C ALA A 157 1.59 7.93 -9.31
N VAL A 158 1.99 7.47 -10.49
CA VAL A 158 3.31 7.73 -11.05
C VAL A 158 3.11 8.45 -12.37
N VAL A 159 4.06 9.30 -12.72
CA VAL A 159 4.01 10.06 -13.97
C VAL A 159 5.26 9.70 -14.76
N ILE A 160 5.09 8.90 -15.80
CA ILE A 160 6.17 8.50 -16.67
C ILE A 160 6.30 9.51 -17.80
N SER A 161 7.49 10.06 -17.95
CA SER A 161 7.76 11.09 -18.95
C SER A 161 8.96 10.61 -19.78
N CYS A 162 8.69 10.09 -20.97
CA CYS A 162 9.77 9.63 -21.84
C CYS A 162 10.08 10.74 -22.83
N ALA A 163 11.38 11.02 -22.99
CA ALA A 163 11.83 12.10 -23.85
C ALA A 163 13.01 11.59 -24.66
N LYS A 164 13.85 12.51 -25.12
CA LYS A 164 14.94 12.18 -26.03
C LYS A 164 16.18 11.67 -25.32
N ASP A 165 16.35 12.00 -24.03
CA ASP A 165 17.58 11.69 -23.32
C ASP A 165 17.41 10.81 -22.09
N GLY A 166 16.20 10.64 -21.58
CA GLY A 166 16.05 9.91 -20.33
C GLY A 166 14.60 9.54 -20.07
N VAL A 167 14.43 8.50 -19.26
CA VAL A 167 13.10 8.12 -18.78
C VAL A 167 12.99 8.62 -17.34
N LYS A 168 11.81 9.12 -16.99
CA LYS A 168 11.61 9.79 -15.71
C LYS A 168 10.32 9.30 -15.06
N PHE A 169 10.43 8.94 -13.78
CA PHE A 169 9.31 8.50 -12.97
C PHE A 169 9.08 9.52 -11.87
N SER A 170 7.83 9.87 -11.63
CA SER A 170 7.52 10.95 -10.70
C SER A 170 6.26 10.59 -9.93
N ALA A 171 6.29 10.77 -8.63
CA ALA A 171 5.13 10.55 -7.78
C ALA A 171 4.94 11.76 -6.88
N SER A 172 3.70 11.98 -6.47
CA SER A 172 3.37 13.15 -5.67
C SER A 172 2.18 12.76 -4.79
N GLY A 173 2.45 12.54 -3.51
CA GLY A 173 1.36 12.11 -2.65
C GLY A 173 1.07 13.06 -1.51
N GLU A 174 0.46 12.53 -0.46
CA GLU A 174 0.07 13.34 0.68
C GLU A 174 1.22 13.56 1.66
N LEU A 175 2.39 12.97 1.39
CA LEU A 175 3.54 13.09 2.27
C LEU A 175 4.79 13.59 1.54
N GLY A 176 4.64 14.10 0.33
CA GLY A 176 5.77 14.70 -0.35
C GLY A 176 5.73 14.45 -1.84
N ASN A 177 6.93 14.52 -2.43
CA ASN A 177 7.15 14.39 -3.87
C ASN A 177 8.39 13.54 -4.10
N GLY A 178 8.44 12.89 -5.25
CA GLY A 178 9.57 12.04 -5.61
C GLY A 178 9.78 12.03 -7.10
N ASN A 179 11.05 11.97 -7.50
CA ASN A 179 11.42 12.03 -8.92
C ASN A 179 12.67 11.19 -9.13
N ILE A 180 12.50 10.03 -9.76
CA ILE A 180 13.62 9.17 -10.16
C ILE A 180 13.83 9.36 -11.66
N LYS A 181 15.08 9.28 -12.10
CA LYS A 181 15.40 9.49 -13.52
C LYS A 181 16.50 8.53 -13.93
N LEU A 182 16.22 7.70 -14.93
CA LEU A 182 17.21 6.82 -15.54
C LEU A 182 17.61 7.31 -16.92
N SER A 183 18.87 7.07 -17.27
CA SER A 183 19.50 7.61 -18.46
C SER A 183 20.02 6.48 -19.35
N GLN A 184 20.45 6.89 -20.55
CA GLN A 184 20.79 5.96 -21.62
C GLN A 184 22.20 5.41 -21.45
N THR A 185 22.33 4.09 -21.44
CA THR A 185 23.63 3.46 -21.32
C THR A 185 24.32 3.38 -22.68
N SER A 186 25.64 3.54 -22.66
CA SER A 186 26.46 3.56 -23.88
C SER A 186 26.90 2.17 -24.33
N ASN A 187 27.97 1.67 -23.72
CA ASN A 187 28.55 0.37 -24.09
C ASN A 187 28.93 -0.35 -22.81
N VAL A 188 27.94 -1.00 -22.18
CA VAL A 188 28.12 -1.73 -20.94
C VAL A 188 28.31 -3.19 -21.31
N ASP A 189 29.17 -3.88 -20.56
CA ASP A 189 29.57 -5.22 -20.93
C ASP A 189 28.51 -6.27 -20.61
N LYS A 190 27.25 -5.88 -20.51
CA LYS A 190 26.14 -6.79 -20.25
C LYS A 190 24.92 -6.30 -21.03
N GLU A 191 24.41 -7.15 -21.92
CA GLU A 191 23.25 -6.77 -22.72
C GLU A 191 22.02 -6.55 -21.83
N GLU A 192 21.88 -7.33 -20.77
CA GLU A 192 20.72 -7.26 -19.90
C GLU A 192 20.92 -6.29 -18.74
N GLU A 193 21.99 -5.49 -18.77
CA GLU A 193 22.22 -4.45 -17.78
C GLU A 193 22.20 -3.05 -18.39
N ALA A 194 21.66 -2.91 -19.59
CA ALA A 194 21.69 -1.66 -20.33
C ALA A 194 20.30 -1.05 -20.42
N VAL A 195 20.27 0.28 -20.52
CA VAL A 195 19.03 1.02 -20.75
C VAL A 195 19.11 1.67 -22.12
N THR A 196 18.09 1.44 -22.94
CA THR A 196 18.01 2.01 -24.28
C THR A 196 16.59 2.49 -24.52
N ILE A 197 16.48 3.67 -25.13
CA ILE A 197 15.18 4.28 -25.40
C ILE A 197 15.05 4.48 -26.90
N GLU A 198 13.88 4.16 -27.44
CA GLU A 198 13.54 4.37 -28.84
C GLU A 198 12.39 5.36 -28.89
N MET A 199 12.71 6.64 -28.97
CA MET A 199 11.70 7.69 -28.97
C MET A 199 11.36 8.14 -30.39
N ASN A 200 10.06 8.28 -30.66
CA ASN A 200 9.57 8.95 -31.85
C ASN A 200 8.74 10.18 -31.52
N GLU A 201 8.14 10.24 -30.33
CA GLU A 201 7.39 11.40 -29.85
C GLU A 201 7.34 11.37 -28.32
N PRO A 202 7.83 12.41 -27.65
CA PRO A 202 7.87 12.39 -26.18
C PRO A 202 6.50 12.14 -25.57
N VAL A 203 6.46 11.33 -24.52
CA VAL A 203 5.20 10.93 -23.91
C VAL A 203 5.16 11.39 -22.46
N GLN A 204 3.95 11.67 -21.98
CA GLN A 204 3.70 12.25 -20.66
C GLN A 204 2.43 11.59 -20.12
N LEU A 205 2.59 10.52 -19.33
CA LEU A 205 1.46 9.69 -18.94
C LEU A 205 1.42 9.47 -17.43
N THR A 206 0.21 9.30 -16.90
CA THR A 206 -0.02 9.10 -15.48
C THR A 206 -0.69 7.74 -15.25
N PHE A 207 -0.07 6.90 -14.43
CA PHE A 207 -0.54 5.56 -14.12
C PHE A 207 -0.64 5.35 -12.62
N ALA A 208 -1.23 4.23 -12.21
CA ALA A 208 -1.38 3.86 -10.81
C ALA A 208 -0.30 2.86 -10.40
N LEU A 209 0.25 3.06 -9.19
CA LEU A 209 1.41 2.29 -8.75
C LEU A 209 1.06 0.90 -8.22
N ARG A 210 -0.15 0.71 -7.70
CA ARG A 210 -0.53 -0.61 -7.19
C ARG A 210 -0.43 -1.66 -8.30
N TYR A 211 -0.97 -1.33 -9.47
CA TYR A 211 -0.92 -2.27 -10.59
C TYR A 211 0.49 -2.41 -11.14
N LEU A 212 1.32 -1.36 -11.04
CA LEU A 212 2.71 -1.53 -11.44
C LEU A 212 3.46 -2.46 -10.50
N ASN A 213 3.14 -2.44 -9.21
CA ASN A 213 3.74 -3.40 -8.30
C ASN A 213 3.25 -4.81 -8.61
N PHE A 214 1.96 -4.93 -8.94
CA PHE A 214 1.42 -6.20 -9.42
C PHE A 214 2.21 -6.71 -10.60
N PHE A 215 2.45 -5.85 -11.60
CA PHE A 215 3.23 -6.25 -12.77
C PHE A 215 4.66 -6.57 -12.40
N THR A 216 5.18 -5.87 -11.39
CA THR A 216 6.56 -6.02 -10.97
C THR A 216 6.79 -7.39 -10.36
N LYS A 217 5.75 -7.96 -9.77
CA LYS A 217 5.88 -9.29 -9.18
C LYS A 217 6.40 -10.34 -10.16
N ALA A 218 6.35 -10.06 -11.46
CA ALA A 218 6.83 -10.98 -12.49
C ALA A 218 8.30 -10.78 -12.84
N THR A 219 9.08 -10.18 -11.95
CA THR A 219 10.47 -9.83 -12.21
C THR A 219 11.42 -11.01 -12.42
N PRO A 220 11.35 -12.09 -11.63
CA PRO A 220 12.35 -13.16 -11.78
C PRO A 220 12.27 -13.92 -13.10
N LEU A 221 11.28 -13.65 -13.95
CA LEU A 221 11.17 -14.37 -15.21
C LEU A 221 12.27 -13.95 -16.19
N SER A 222 12.42 -12.65 -16.41
CA SER A 222 13.40 -12.12 -17.35
C SER A 222 14.32 -11.13 -16.66
N SER A 223 15.52 -10.97 -17.21
CA SER A 223 16.45 -9.96 -16.73
C SER A 223 16.12 -8.58 -17.28
N THR A 224 15.36 -8.50 -18.37
CA THR A 224 15.00 -7.25 -19.01
C THR A 224 13.48 -7.13 -19.10
N VAL A 225 12.99 -5.94 -18.77
CA VAL A 225 11.61 -5.55 -18.99
C VAL A 225 11.58 -4.50 -20.10
N THR A 226 10.48 -4.49 -20.86
CA THR A 226 10.25 -3.47 -21.87
C THR A 226 8.96 -2.74 -21.57
N LEU A 227 9.06 -1.42 -21.41
CA LEU A 227 7.92 -0.54 -21.25
C LEU A 227 7.58 0.07 -22.61
N SER A 228 6.30 0.09 -22.95
CA SER A 228 5.87 0.66 -24.23
C SER A 228 4.65 1.54 -23.97
N MET A 229 4.81 2.85 -24.13
CA MET A 229 3.71 3.77 -23.87
C MET A 229 3.59 4.78 -25.00
N SER A 230 2.39 5.32 -25.14
CA SER A 230 2.10 6.39 -26.08
C SER A 230 0.88 7.13 -25.55
N ALA A 231 0.70 8.35 -26.03
CA ALA A 231 -0.35 9.21 -25.51
C ALA A 231 -1.72 8.55 -25.67
N ASP A 232 -2.51 8.57 -24.59
CA ASP A 232 -3.91 8.17 -24.57
C ASP A 232 -4.10 6.65 -24.71
N VAL A 233 -3.04 5.91 -24.97
CA VAL A 233 -3.14 4.45 -25.08
C VAL A 233 -2.45 3.80 -23.89
N PRO A 234 -2.82 2.56 -23.54
CA PRO A 234 -2.29 1.94 -22.32
C PRO A 234 -0.78 1.70 -22.39
N LEU A 235 -0.20 1.56 -21.20
CA LEU A 235 1.20 1.17 -21.04
C LEU A 235 1.31 -0.34 -21.11
N VAL A 236 2.36 -0.81 -21.79
CA VAL A 236 2.65 -2.21 -22.00
C VAL A 236 3.90 -2.53 -21.20
N VAL A 237 3.76 -3.33 -20.16
CA VAL A 237 4.88 -3.85 -19.39
C VAL A 237 5.10 -5.28 -19.87
N GLU A 238 6.20 -5.52 -20.56
CA GLU A 238 6.42 -6.80 -21.22
C GLU A 238 7.65 -7.47 -20.63
N TYR A 239 7.47 -8.73 -20.24
CA TYR A 239 8.57 -9.60 -19.82
C TYR A 239 8.67 -10.75 -20.80
N LYS A 240 9.89 -11.05 -21.21
CA LYS A 240 10.14 -12.17 -22.10
C LYS A 240 10.24 -13.43 -21.27
N ILE A 241 9.60 -14.49 -21.74
CA ILE A 241 9.78 -15.83 -21.18
C ILE A 241 10.76 -16.52 -22.11
N ALA A 242 12.02 -16.51 -21.69
CA ALA A 242 13.17 -17.01 -22.45
C ALA A 242 12.84 -18.25 -23.25
N ASP A 243 12.84 -18.11 -24.56
CA ASP A 243 12.72 -19.20 -25.52
C ASP A 243 11.44 -20.02 -25.30
N MET A 244 10.30 -19.33 -25.18
CA MET A 244 9.04 -20.06 -25.05
C MET A 244 7.78 -19.21 -25.19
N GLY A 245 7.68 -18.10 -24.48
CA GLY A 245 6.51 -17.25 -24.60
C GLY A 245 6.77 -15.79 -24.30
N HIS A 246 5.75 -15.15 -23.76
CA HIS A 246 5.79 -13.74 -23.39
C HIS A 246 4.71 -13.47 -22.34
N LEU A 247 4.97 -12.49 -21.49
CA LEU A 247 3.95 -11.96 -20.59
C LEU A 247 3.80 -10.46 -20.84
N LYS A 248 2.56 -10.01 -20.99
CA LYS A 248 2.25 -8.62 -21.33
C LYS A 248 1.20 -8.07 -20.39
N TYR A 249 1.50 -6.97 -19.70
CA TYR A 249 0.55 -6.27 -18.86
C TYR A 249 0.21 -4.91 -19.47
N TYR A 250 -1.07 -4.54 -19.41
CA TYR A 250 -1.56 -3.30 -20.00
C TYR A 250 -2.30 -2.47 -18.95
N LEU A 251 -2.04 -1.14 -18.96
CA LEU A 251 -2.75 -0.22 -18.07
C LEU A 251 -3.26 1.03 -18.76
N ALA A 252 -4.49 1.42 -18.43
CA ALA A 252 -5.13 2.59 -19.01
C ALA A 252 -4.75 3.83 -18.20
N PRO A 253 -4.29 4.90 -18.86
CA PRO A 253 -3.83 6.09 -18.13
C PRO A 253 -4.92 6.81 -17.34
N LYS A 254 -4.53 7.82 -16.59
CA LYS A 254 -5.47 8.71 -15.92
C LYS A 254 -6.06 9.75 -16.88
N PHE B 2 -33.57 -8.37 -18.34
CA PHE B 2 -34.68 -8.16 -17.42
C PHE B 2 -35.40 -6.87 -17.78
N GLU B 3 -36.33 -6.43 -16.93
CA GLU B 3 -37.07 -5.20 -17.23
C GLU B 3 -37.45 -4.53 -15.91
N ALA B 4 -36.86 -3.37 -15.63
CA ALA B 4 -37.16 -2.59 -14.43
C ALA B 4 -37.67 -1.22 -14.85
N ARG B 5 -38.93 -0.94 -14.53
CA ARG B 5 -39.55 0.36 -14.73
C ARG B 5 -39.53 1.16 -13.43
N LEU B 6 -38.98 2.38 -13.50
CA LEU B 6 -38.87 3.28 -12.37
C LEU B 6 -39.35 4.67 -12.77
N VAL B 7 -40.08 5.31 -11.87
CA VAL B 7 -40.71 6.59 -12.14
C VAL B 7 -39.89 7.76 -11.62
N GLN B 8 -39.32 7.63 -10.42
CA GLN B 8 -38.45 8.68 -9.85
C GLN B 8 -37.00 8.27 -10.11
N GLY B 9 -36.47 8.72 -11.25
CA GLY B 9 -35.10 8.42 -11.62
C GLY B 9 -34.04 9.23 -10.91
N SER B 10 -34.43 10.32 -10.26
CA SER B 10 -33.49 11.10 -9.46
C SER B 10 -32.68 10.23 -8.51
N ILE B 11 -33.33 9.28 -7.85
CA ILE B 11 -32.65 8.39 -6.93
C ILE B 11 -31.50 7.67 -7.63
N LEU B 12 -31.80 6.98 -8.74
CA LEU B 12 -30.76 6.25 -9.46
C LEU B 12 -29.66 7.18 -9.95
N LYS B 13 -30.02 8.39 -10.38
CA LYS B 13 -29.02 9.38 -10.75
C LYS B 13 -28.06 9.63 -9.60
N LYS B 14 -28.63 9.88 -8.41
CA LYS B 14 -27.80 10.12 -7.22
C LYS B 14 -26.89 8.94 -6.92
N VAL B 15 -27.43 7.71 -7.00
CA VAL B 15 -26.61 6.52 -6.74
C VAL B 15 -25.41 6.49 -7.69
N LEU B 16 -25.67 6.69 -8.99
CA LEU B 16 -24.57 6.71 -9.94
C LEU B 16 -23.58 7.82 -9.61
N GLU B 17 -24.06 9.03 -9.37
CA GLU B 17 -23.17 10.13 -8.99
C GLU B 17 -22.34 9.77 -7.78
N ALA B 18 -22.89 8.93 -6.91
CA ALA B 18 -22.14 8.42 -5.76
C ALA B 18 -21.00 7.53 -6.22
N LEU B 19 -21.31 6.52 -7.04
CA LEU B 19 -20.32 5.51 -7.39
C LEU B 19 -19.64 5.77 -8.73
N LYS B 20 -20.06 6.78 -9.50
CA LYS B 20 -19.44 7.03 -10.80
C LYS B 20 -17.95 7.35 -10.66
N ASP B 21 -17.59 8.13 -9.64
CA ASP B 21 -16.22 8.65 -9.55
C ASP B 21 -15.28 7.75 -8.77
N LEU B 22 -15.78 7.03 -7.77
CA LEU B 22 -14.90 6.17 -6.96
C LEU B 22 -14.58 4.89 -7.71
N ILE B 23 -15.61 4.14 -8.11
CA ILE B 23 -15.43 2.89 -8.84
C ILE B 23 -15.74 3.16 -10.31
N ASN B 24 -14.92 2.60 -11.19
CA ASN B 24 -15.12 2.81 -12.62
C ASN B 24 -15.97 1.69 -13.24
N GLU B 25 -15.50 0.45 -13.14
CA GLU B 25 -16.24 -0.70 -13.66
C GLU B 25 -16.59 -1.65 -12.52
N ALA B 26 -17.83 -2.13 -12.54
CA ALA B 26 -18.34 -3.05 -11.52
C ALA B 26 -19.15 -4.15 -12.20
N CYS B 27 -19.70 -5.05 -11.39
CA CYS B 27 -20.51 -6.17 -11.87
C CYS B 27 -21.84 -6.18 -11.13
N TRP B 28 -22.92 -6.19 -11.90
CA TRP B 28 -24.28 -6.16 -11.37
C TRP B 28 -24.86 -7.56 -11.43
N ASP B 29 -25.13 -8.12 -10.25
CA ASP B 29 -25.83 -9.39 -10.09
C ASP B 29 -27.32 -9.08 -9.98
N ILE B 30 -28.06 -9.42 -11.03
CA ILE B 30 -29.49 -9.18 -11.12
C ILE B 30 -30.19 -10.49 -10.78
N SER B 31 -31.17 -10.42 -9.90
CA SER B 31 -31.93 -11.60 -9.52
C SER B 31 -33.40 -11.21 -9.36
N SER B 32 -34.23 -12.19 -8.99
CA SER B 32 -35.64 -11.91 -8.76
C SER B 32 -35.87 -11.13 -7.49
N SER B 33 -34.82 -10.90 -6.69
CA SER B 33 -34.90 -10.13 -5.47
C SER B 33 -34.49 -8.67 -5.67
N GLY B 34 -33.48 -8.42 -6.47
CA GLY B 34 -33.10 -7.06 -6.77
C GLY B 34 -31.76 -6.98 -7.47
N VAL B 35 -31.33 -5.74 -7.66
CA VAL B 35 -30.04 -5.42 -8.26
C VAL B 35 -29.00 -5.34 -7.16
N ASN B 36 -27.89 -6.08 -7.33
CA ASN B 36 -26.86 -6.16 -6.31
C ASN B 36 -25.51 -5.83 -6.93
N LEU B 37 -24.83 -4.85 -6.36
CA LEU B 37 -23.48 -4.49 -6.76
C LEU B 37 -22.58 -4.65 -5.55
N GLN B 38 -21.39 -5.21 -5.77
CA GLN B 38 -20.43 -5.37 -4.69
C GLN B 38 -19.06 -5.34 -5.35
N SER B 39 -18.29 -4.29 -5.11
CA SER B 39 -17.04 -4.08 -5.83
C SER B 39 -16.00 -3.45 -4.92
N MET B 40 -14.81 -3.31 -5.47
CA MET B 40 -13.67 -2.67 -4.82
C MET B 40 -13.30 -1.44 -5.66
N ASP B 41 -12.23 -0.75 -5.29
CA ASP B 41 -11.80 0.42 -6.04
C ASP B 41 -10.53 0.09 -6.83
N SER B 42 -9.90 1.13 -7.37
CA SER B 42 -8.71 0.93 -8.19
C SER B 42 -7.52 0.44 -7.35
N SER B 43 -7.23 1.15 -6.26
CA SER B 43 -6.07 0.85 -5.44
C SER B 43 -6.32 -0.24 -4.40
N HIS B 44 -7.44 -0.95 -4.50
CA HIS B 44 -7.79 -2.05 -3.61
C HIS B 44 -7.68 -1.63 -2.14
N VAL B 45 -8.45 -0.60 -1.79
CA VAL B 45 -8.48 -0.11 -0.42
C VAL B 45 -9.91 -0.11 0.11
N SER B 46 -10.85 0.24 -0.75
CA SER B 46 -12.24 0.42 -0.34
C SER B 46 -13.15 -0.60 -1.02
N LEU B 47 -14.39 -0.65 -0.53
CA LEU B 47 -15.38 -1.60 -1.04
C LEU B 47 -16.74 -0.93 -1.01
N VAL B 48 -17.53 -1.18 -2.05
CA VAL B 48 -18.85 -0.60 -2.22
C VAL B 48 -19.86 -1.72 -2.33
N GLN B 49 -20.96 -1.62 -1.59
CA GLN B 49 -22.04 -2.60 -1.60
C GLN B 49 -23.35 -1.86 -1.82
N LEU B 50 -23.87 -1.95 -3.04
CA LEU B 50 -25.15 -1.35 -3.41
C LEU B 50 -26.19 -2.44 -3.52
N THR B 51 -27.37 -2.20 -2.96
CA THR B 51 -28.46 -3.17 -2.99
C THR B 51 -29.75 -2.41 -3.26
N LEU B 52 -30.36 -2.63 -4.42
CA LEU B 52 -31.66 -2.09 -4.75
C LEU B 52 -32.67 -3.23 -4.85
N ARG B 53 -33.85 -3.04 -4.26
CA ARG B 53 -34.78 -4.14 -4.03
C ARG B 53 -35.94 -4.10 -5.01
N SER B 54 -36.53 -5.28 -5.23
CA SER B 54 -37.62 -5.43 -6.18
C SER B 54 -38.79 -4.52 -5.84
N GLU B 55 -39.14 -4.42 -4.55
CA GLU B 55 -40.32 -3.67 -4.14
C GLU B 55 -40.18 -2.17 -4.40
N GLY B 56 -38.96 -1.68 -4.61
CA GLY B 56 -38.76 -0.27 -4.87
C GLY B 56 -39.10 0.15 -6.29
N PHE B 57 -38.78 -0.71 -7.26
CA PHE B 57 -39.10 -0.41 -8.65
C PHE B 57 -40.61 -0.47 -8.87
N ASP B 58 -41.09 0.34 -9.82
CA ASP B 58 -42.51 0.32 -10.12
C ASP B 58 -42.90 -0.88 -10.96
N THR B 59 -41.99 -1.46 -11.74
CA THR B 59 -42.29 -2.70 -12.43
C THR B 59 -40.97 -3.46 -12.61
N TYR B 60 -40.67 -4.36 -11.67
CA TYR B 60 -39.47 -5.17 -11.71
C TYR B 60 -39.81 -6.57 -12.23
N ARG B 61 -39.03 -7.05 -13.19
CA ARG B 61 -39.21 -8.40 -13.73
C ARG B 61 -37.85 -8.98 -14.06
N CYS B 62 -37.45 -9.98 -13.27
CA CYS B 62 -36.23 -10.77 -13.47
C CYS B 62 -36.58 -12.24 -13.30
N ASP B 63 -35.86 -13.11 -14.01
CA ASP B 63 -36.12 -14.54 -13.96
C ASP B 63 -35.00 -15.33 -13.30
N ARG B 64 -33.78 -15.17 -13.77
CA ARG B 64 -32.62 -15.87 -13.24
C ARG B 64 -31.49 -14.88 -13.00
N ASN B 65 -30.52 -15.29 -12.20
CA ASN B 65 -29.38 -14.43 -11.90
C ASN B 65 -28.55 -14.12 -13.14
N LEU B 66 -28.57 -12.86 -13.57
CA LEU B 66 -27.76 -12.37 -14.68
C LEU B 66 -26.64 -11.53 -14.11
N ALA B 67 -25.43 -11.73 -14.60
CA ALA B 67 -24.27 -10.99 -14.09
C ALA B 67 -23.68 -10.15 -15.20
N MET B 68 -24.02 -8.85 -15.22
CA MET B 68 -23.61 -7.95 -16.28
C MET B 68 -22.49 -7.03 -15.80
N GLY B 69 -21.46 -6.88 -16.62
CA GLY B 69 -20.35 -6.00 -16.28
C GLY B 69 -20.49 -4.59 -16.81
N VAL B 70 -20.72 -3.63 -15.91
CA VAL B 70 -21.05 -2.27 -16.31
C VAL B 70 -19.87 -1.36 -16.02
N ASN B 71 -19.71 -0.32 -16.87
CA ASN B 71 -18.74 0.75 -16.68
C ASN B 71 -19.50 2.00 -16.23
N LEU B 72 -19.53 2.22 -14.91
CA LEU B 72 -20.40 3.23 -14.30
C LEU B 72 -20.15 4.64 -14.84
N THR B 73 -19.02 4.91 -15.48
CA THR B 73 -18.79 6.25 -16.03
C THR B 73 -19.69 6.52 -17.23
N SER B 74 -19.69 5.61 -18.21
CA SER B 74 -20.59 5.72 -19.35
C SER B 74 -22.04 5.74 -18.89
N MET B 75 -22.40 4.85 -17.96
CA MET B 75 -23.75 4.80 -17.43
C MET B 75 -24.11 6.10 -16.74
N SER B 76 -23.17 6.69 -16.00
CA SER B 76 -23.42 7.97 -15.34
C SER B 76 -23.67 9.07 -16.35
N LYS B 77 -22.94 9.07 -17.46
CA LYS B 77 -23.22 10.03 -18.52
C LYS B 77 -24.62 9.82 -19.09
N ILE B 78 -25.00 8.57 -19.31
CA ILE B 78 -26.31 8.27 -19.87
C ILE B 78 -27.42 8.70 -18.91
N LEU B 79 -27.19 8.52 -17.60
CA LEU B 79 -28.15 9.00 -16.61
C LEU B 79 -28.11 10.50 -16.41
N LYS B 80 -27.03 11.15 -16.84
CA LYS B 80 -27.06 12.60 -16.97
C LYS B 80 -27.99 13.02 -18.10
N CYS B 81 -28.04 12.21 -19.17
CA CYS B 81 -29.01 12.41 -20.25
C CYS B 81 -30.48 12.11 -19.84
N ALA B 82 -30.84 11.84 -18.59
CA ALA B 82 -32.19 11.42 -18.23
C ALA B 82 -33.10 12.61 -17.90
N GLY B 83 -34.31 12.59 -18.46
CA GLY B 83 -35.31 13.57 -18.07
C GLY B 83 -35.85 13.30 -16.67
N ASN B 84 -36.12 14.38 -15.94
CA ASN B 84 -36.59 14.25 -14.57
C ASN B 84 -38.02 13.74 -14.47
N GLU B 85 -38.86 14.02 -15.46
CA GLU B 85 -40.21 13.47 -15.52
C GLU B 85 -40.32 12.29 -16.47
N ASP B 86 -39.29 12.04 -17.27
CA ASP B 86 -39.29 10.91 -18.20
C ASP B 86 -39.24 9.61 -17.41
N ILE B 87 -40.34 8.84 -17.47
CA ILE B 87 -40.35 7.52 -16.87
C ILE B 87 -39.24 6.68 -17.49
N ILE B 88 -38.44 6.03 -16.64
CA ILE B 88 -37.22 5.36 -17.06
C ILE B 88 -37.44 3.86 -17.02
N THR B 89 -36.99 3.18 -18.07
CA THR B 89 -37.06 1.72 -18.16
C THR B 89 -35.65 1.21 -18.44
N LEU B 90 -35.10 0.49 -17.46
CA LEU B 90 -33.89 -0.28 -17.67
C LEU B 90 -34.31 -1.64 -18.19
N ARG B 91 -33.55 -2.16 -19.14
CA ARG B 91 -33.96 -3.40 -19.80
C ARG B 91 -32.74 -4.12 -20.33
N ALA B 92 -32.87 -5.43 -20.48
CA ALA B 92 -31.78 -6.23 -21.02
C ALA B 92 -32.38 -7.48 -21.63
N GLU B 93 -31.64 -8.05 -22.58
CA GLU B 93 -32.07 -9.22 -23.31
C GLU B 93 -31.50 -10.46 -22.63
N ASP B 94 -32.19 -11.59 -22.82
CA ASP B 94 -31.82 -12.83 -22.15
C ASP B 94 -30.34 -13.16 -22.33
N ASN B 95 -29.78 -12.92 -23.53
CA ASN B 95 -28.39 -13.26 -23.76
C ASN B 95 -27.59 -12.13 -24.42
N ALA B 96 -28.22 -11.01 -24.77
CA ALA B 96 -27.52 -9.94 -25.48
C ALA B 96 -26.45 -9.30 -24.61
N ASP B 97 -25.48 -8.68 -25.27
CA ASP B 97 -24.36 -8.02 -24.62
C ASP B 97 -24.56 -6.51 -24.54
N THR B 98 -25.81 -6.05 -24.54
CA THR B 98 -26.10 -4.63 -24.46
C THR B 98 -27.26 -4.40 -23.50
N LEU B 99 -27.12 -3.37 -22.68
CA LEU B 99 -28.15 -2.94 -21.73
C LEU B 99 -28.84 -1.69 -22.25
N ALA B 100 -30.17 -1.70 -22.26
CA ALA B 100 -30.95 -0.63 -22.84
C ALA B 100 -31.54 0.26 -21.75
N LEU B 101 -31.36 1.57 -21.91
CA LEU B 101 -32.00 2.57 -21.06
C LEU B 101 -32.97 3.36 -21.93
N VAL B 102 -34.22 3.48 -21.47
CA VAL B 102 -35.27 4.10 -22.26
C VAL B 102 -35.96 5.17 -21.41
N PHE B 103 -35.84 6.42 -21.81
CA PHE B 103 -36.47 7.53 -21.13
C PHE B 103 -37.68 7.95 -21.96
N GLU B 104 -38.86 7.98 -21.35
CA GLU B 104 -40.07 8.23 -22.14
C GLU B 104 -40.96 9.23 -21.42
N ALA B 105 -41.40 10.25 -22.16
CA ALA B 105 -42.23 11.27 -21.53
C ALA B 105 -43.67 10.77 -21.39
N PRO B 106 -44.34 11.09 -20.29
CA PRO B 106 -45.74 10.70 -20.12
C PRO B 106 -46.68 11.16 -21.23
N ASN B 107 -47.02 12.46 -21.21
CA ASN B 107 -47.88 13.02 -22.24
C ASN B 107 -47.12 13.42 -23.49
N GLN B 108 -45.90 13.91 -23.35
CA GLN B 108 -45.17 14.50 -24.48
C GLN B 108 -44.82 13.42 -25.50
N GLU B 109 -43.95 13.78 -26.43
CA GLU B 109 -43.56 12.89 -27.52
C GLU B 109 -42.04 12.89 -27.67
N LYS B 110 -41.34 12.52 -26.61
CA LYS B 110 -39.89 12.40 -26.62
C LYS B 110 -39.53 11.06 -26.02
N VAL B 111 -38.71 10.30 -26.75
CA VAL B 111 -38.27 8.98 -26.30
C VAL B 111 -36.78 8.88 -26.54
N SER B 112 -35.99 9.01 -25.49
CA SER B 112 -34.55 8.82 -25.58
C SER B 112 -34.26 7.34 -25.40
N ASP B 113 -33.42 6.80 -26.29
CA ASP B 113 -33.16 5.36 -26.32
C ASP B 113 -31.65 5.18 -26.41
N TYR B 114 -31.02 4.78 -25.31
CA TYR B 114 -29.58 4.54 -25.29
C TYR B 114 -29.34 3.06 -25.02
N GLU B 115 -28.23 2.55 -25.54
CA GLU B 115 -27.87 1.15 -25.35
C GLU B 115 -26.38 1.08 -25.11
N MET B 116 -25.99 0.68 -23.91
CA MET B 116 -24.59 0.62 -23.51
C MET B 116 -24.09 -0.81 -23.63
N LYS B 117 -22.85 -0.96 -24.08
CA LYS B 117 -22.25 -2.29 -24.16
C LYS B 117 -21.96 -2.80 -22.75
N LEU B 118 -22.25 -4.09 -22.54
CA LEU B 118 -21.93 -4.73 -21.28
C LEU B 118 -20.55 -5.40 -21.36
N MET B 119 -20.07 -5.87 -20.22
CA MET B 119 -18.77 -6.50 -20.14
C MET B 119 -18.86 -7.73 -19.25
N ASP B 120 -17.69 -8.32 -18.98
CA ASP B 120 -17.54 -9.54 -18.20
C ASP B 120 -16.05 -9.76 -17.96
N LEU B 121 -15.64 -9.81 -16.70
CA LEU B 121 -14.21 -9.94 -16.38
C LEU B 121 -13.68 -11.33 -16.69
N VAL B 123 -15.02 -10.23 -11.22
CA VAL B 123 -15.57 -9.48 -10.11
C VAL B 123 -15.31 -10.21 -8.80
N GLU B 124 -14.08 -10.11 -8.30
CA GLU B 124 -13.70 -10.77 -7.05
C GLU B 124 -14.50 -10.22 -5.88
N GLN B 125 -15.56 -10.94 -5.50
CA GLN B 125 -16.45 -10.54 -4.43
C GLN B 125 -16.05 -11.29 -3.16
N LEU B 126 -15.48 -10.57 -2.20
CA LEU B 126 -15.18 -11.16 -0.90
C LEU B 126 -16.44 -11.22 -0.05
N GLY B 127 -16.39 -12.05 0.98
CA GLY B 127 -17.53 -12.22 1.87
C GLY B 127 -17.48 -11.28 3.06
N ILE B 128 -18.67 -10.88 3.52
CA ILE B 128 -18.78 -10.03 4.70
C ILE B 128 -19.45 -10.83 5.82
N PRO B 129 -18.69 -11.32 6.79
CA PRO B 129 -19.32 -11.96 7.95
C PRO B 129 -20.25 -10.97 8.64
N GLU B 130 -21.47 -11.41 8.93
CA GLU B 130 -22.41 -10.53 9.60
C GLU B 130 -21.90 -10.24 11.00
N GLN B 131 -21.07 -9.20 11.12
CA GLN B 131 -20.33 -8.96 12.34
C GLN B 131 -21.09 -8.04 13.30
N GLU B 132 -20.59 -8.00 14.53
CA GLU B 132 -21.00 -7.03 15.53
C GLU B 132 -19.84 -6.07 15.75
N TYR B 133 -20.09 -4.77 15.65
CA TYR B 133 -19.02 -3.80 15.72
C TYR B 133 -19.00 -3.18 17.11
N SER B 134 -17.79 -2.81 17.56
CA SER B 134 -17.63 -2.24 18.90
C SER B 134 -18.39 -0.94 19.03
N CYS B 135 -18.08 0.05 18.20
CA CYS B 135 -18.78 1.33 18.24
C CYS B 135 -19.61 1.52 16.97
N VAL B 136 -20.81 2.06 17.15
CA VAL B 136 -21.75 2.30 16.05
C VAL B 136 -22.40 3.65 16.30
N VAL B 137 -22.04 4.65 15.48
CA VAL B 137 -22.60 5.99 15.55
C VAL B 137 -23.63 6.14 14.45
N LYS B 138 -24.70 6.88 14.73
CA LYS B 138 -25.74 7.16 13.74
C LYS B 138 -25.95 8.67 13.72
N MET B 139 -25.40 9.34 12.70
CA MET B 139 -25.47 10.79 12.66
C MET B 139 -26.09 11.24 11.35
N PRO B 140 -26.34 12.54 11.15
CA PRO B 140 -26.76 12.99 9.81
C PRO B 140 -25.62 12.86 8.81
N SER B 141 -26.01 12.58 7.56
CA SER B 141 -24.99 12.45 6.52
C SER B 141 -24.33 13.79 6.22
N GLY B 142 -25.08 14.87 6.42
CA GLY B 142 -24.54 16.20 6.18
C GLY B 142 -23.40 16.52 7.13
N GLU B 143 -23.53 16.13 8.40
CA GLU B 143 -22.48 16.42 9.39
C GLU B 143 -21.22 15.62 9.12
N PHE B 144 -21.36 14.35 8.73
CA PHE B 144 -20.20 13.57 8.32
C PHE B 144 -19.54 14.20 7.10
N ALA B 145 -20.35 14.64 6.13
CA ALA B 145 -19.82 15.31 4.95
C ALA B 145 -19.02 16.55 5.34
N ARG B 146 -19.62 17.40 6.17
CA ARG B 146 -18.94 18.58 6.69
C ARG B 146 -17.59 18.18 7.28
N ILE B 147 -17.63 17.37 8.34
CA ILE B 147 -16.42 17.00 9.08
C ILE B 147 -15.33 16.51 8.13
N CYS B 148 -15.68 15.65 7.17
CA CYS B 148 -14.66 15.15 6.24
C CYS B 148 -14.11 16.27 5.38
N ARG B 149 -14.98 17.13 4.84
CA ARG B 149 -14.52 18.25 4.02
C ARG B 149 -13.60 19.17 4.81
N ASP B 150 -14.08 19.65 5.96
CA ASP B 150 -13.32 20.54 6.84
C ASP B 150 -11.95 19.96 7.16
N LEU B 151 -11.92 18.73 7.69
CA LEU B 151 -10.64 18.14 8.10
C LEU B 151 -9.77 17.71 6.92
N SER B 152 -10.33 17.66 5.71
CA SER B 152 -9.52 17.33 4.53
C SER B 152 -8.48 18.42 4.22
N HIS B 153 -8.67 19.64 4.74
CA HIS B 153 -7.72 20.70 4.46
C HIS B 153 -6.43 20.56 5.28
N ILE B 154 -6.49 19.91 6.42
CA ILE B 154 -5.35 19.87 7.34
C ILE B 154 -4.38 18.76 6.97
N GLY B 155 -4.88 17.55 6.79
CA GLY B 155 -4.03 16.41 6.51
C GLY B 155 -4.76 15.36 5.71
N ASP B 156 -4.06 14.26 5.45
CA ASP B 156 -4.61 13.17 4.64
C ASP B 156 -5.26 12.08 5.45
N ALA B 157 -5.17 12.14 6.78
CA ALA B 157 -5.65 11.06 7.63
C ALA B 157 -6.53 11.62 8.74
N VAL B 158 -7.50 10.81 9.15
CA VAL B 158 -8.42 11.15 10.22
C VAL B 158 -8.27 10.11 11.32
N VAL B 159 -8.49 10.53 12.56
CA VAL B 159 -8.37 9.68 13.74
C VAL B 159 -9.72 9.70 14.44
N ILE B 160 -10.48 8.61 14.31
CA ILE B 160 -11.78 8.49 14.95
C ILE B 160 -11.64 7.81 16.31
N SER B 161 -12.15 8.47 17.35
CA SER B 161 -12.09 7.96 18.72
C SER B 161 -13.52 7.98 19.26
N CYS B 162 -14.17 6.83 19.24
CA CYS B 162 -15.55 6.71 19.70
C CYS B 162 -15.62 6.17 21.13
N ALA B 163 -16.51 6.78 21.91
CA ALA B 163 -16.68 6.44 23.31
C ALA B 163 -18.18 6.30 23.58
N LYS B 164 -18.59 6.52 24.83
CA LYS B 164 -19.98 6.26 25.20
C LYS B 164 -20.89 7.44 24.90
N ASP B 165 -20.38 8.67 24.90
CA ASP B 165 -21.20 9.85 24.69
C ASP B 165 -20.77 10.74 23.52
N GLY B 166 -19.61 10.51 22.92
CA GLY B 166 -19.18 11.41 21.87
C GLY B 166 -18.11 10.79 21.00
N VAL B 167 -18.11 11.21 19.73
CA VAL B 167 -17.12 10.81 18.74
C VAL B 167 -16.16 11.97 18.47
N LYS B 168 -14.90 11.63 18.20
CA LYS B 168 -13.84 12.62 18.06
C LYS B 168 -13.06 12.35 16.79
N PHE B 169 -12.86 13.39 15.99
CA PHE B 169 -12.15 13.36 14.73
C PHE B 169 -10.89 14.22 14.85
N SER B 170 -9.76 13.72 14.33
CA SER B 170 -8.48 14.36 14.54
C SER B 170 -7.64 14.27 13.29
N ALA B 171 -7.01 15.39 12.91
CA ALA B 171 -6.09 15.45 11.79
C ALA B 171 -4.84 16.21 12.20
N SER B 172 -3.74 15.95 11.49
CA SER B 172 -2.44 16.57 11.81
C SER B 172 -1.67 16.68 10.49
N GLY B 173 -1.61 17.89 9.94
CA GLY B 173 -0.95 18.11 8.67
C GLY B 173 0.20 19.09 8.69
N GLU B 174 0.47 19.70 7.53
CA GLU B 174 1.59 20.62 7.37
C GLU B 174 1.28 22.04 7.83
N LEU B 175 0.04 22.31 8.23
CA LEU B 175 -0.33 23.66 8.68
C LEU B 175 -1.06 23.65 10.02
N GLY B 176 -1.03 22.54 10.75
CA GLY B 176 -1.58 22.50 12.08
C GLY B 176 -2.25 21.17 12.35
N ASN B 177 -3.17 21.18 13.32
CA ASN B 177 -3.91 20.00 13.72
C ASN B 177 -5.35 20.41 14.01
N GLY B 178 -6.25 19.43 13.97
CA GLY B 178 -7.67 19.70 14.16
C GLY B 178 -8.36 18.59 14.92
N ASN B 179 -9.36 18.99 15.70
CA ASN B 179 -10.10 18.09 16.59
C ASN B 179 -11.56 18.52 16.62
N ILE B 180 -12.42 17.75 15.98
CA ILE B 180 -13.87 17.95 16.01
C ILE B 180 -14.47 16.90 16.95
N LYS B 181 -15.56 17.27 17.65
CA LYS B 181 -16.18 16.38 18.63
C LYS B 181 -17.69 16.51 18.58
N LEU B 182 -18.38 15.40 18.32
CA LEU B 182 -19.83 15.36 18.32
C LEU B 182 -20.38 14.60 19.54
N SER B 183 -21.53 15.06 20.03
CA SER B 183 -22.16 14.67 21.29
C SER B 183 -23.59 14.15 21.04
N GLN B 184 -24.23 13.68 22.11
CA GLN B 184 -25.51 12.96 22.06
C GLN B 184 -26.70 13.90 21.88
N THR B 185 -27.84 13.30 21.52
CA THR B 185 -29.12 13.97 21.27
C THR B 185 -30.00 14.14 22.51
N SER B 186 -30.72 15.26 22.55
CA SER B 186 -31.69 15.55 23.61
C SER B 186 -33.05 16.05 23.06
N ASN B 187 -33.57 15.42 22.00
CA ASN B 187 -34.81 15.91 21.40
C ASN B 187 -35.76 14.76 21.05
N VAL B 188 -37.03 15.13 20.82
CA VAL B 188 -38.11 14.16 20.54
C VAL B 188 -38.41 14.04 19.05
N ASP B 189 -37.77 14.83 18.18
CA ASP B 189 -37.92 14.66 16.74
C ASP B 189 -36.63 15.11 16.07
N LYS B 190 -35.84 14.15 15.59
CA LYS B 190 -34.52 14.46 15.05
C LYS B 190 -34.09 13.40 14.04
N GLU B 191 -34.96 13.07 13.09
CA GLU B 191 -34.53 12.28 11.95
C GLU B 191 -33.51 13.10 11.17
N GLU B 192 -32.25 12.67 11.20
CA GLU B 192 -31.12 13.38 10.61
C GLU B 192 -30.76 14.65 11.35
N GLU B 193 -31.21 14.80 12.61
CA GLU B 193 -30.79 15.88 13.46
C GLU B 193 -30.11 15.41 14.74
N ALA B 194 -30.12 14.10 15.01
CA ALA B 194 -29.64 13.53 16.27
C ALA B 194 -28.37 12.72 16.07
N VAL B 195 -27.54 12.70 17.11
CA VAL B 195 -26.36 11.85 17.16
C VAL B 195 -26.56 10.82 18.25
N THR B 196 -26.37 9.54 17.90
CA THR B 196 -26.52 8.44 18.84
C THR B 196 -25.37 7.46 18.63
N ILE B 197 -24.82 6.96 19.73
CA ILE B 197 -23.70 6.03 19.69
C ILE B 197 -24.15 4.71 20.30
N GLU B 198 -23.72 3.62 19.70
CA GLU B 198 -23.97 2.27 20.21
C GLU B 198 -22.60 1.75 20.63
N MET B 199 -22.24 2.02 21.88
CA MET B 199 -20.93 1.67 22.39
C MET B 199 -21.01 0.38 23.20
N ASN B 200 -20.12 -0.55 22.89
CA ASN B 200 -19.85 -1.72 23.71
C ASN B 200 -18.40 -1.77 24.15
N GLU B 201 -17.50 -1.15 23.38
CA GLU B 201 -16.10 -0.98 23.71
C GLU B 201 -15.57 0.20 22.88
N PRO B 202 -15.06 1.24 23.52
CA PRO B 202 -14.59 2.43 22.78
C PRO B 202 -13.54 2.07 21.74
N VAL B 203 -13.60 2.75 20.60
CA VAL B 203 -12.78 2.41 19.44
C VAL B 203 -11.84 3.56 19.12
N GLN B 204 -10.68 3.20 18.56
CA GLN B 204 -9.59 4.13 18.25
C GLN B 204 -9.00 3.71 16.91
N LEU B 205 -9.42 4.36 15.83
CA LEU B 205 -9.10 3.92 14.47
C LEU B 205 -8.52 5.07 13.66
N THR B 206 -7.64 4.71 12.72
CA THR B 206 -6.95 5.66 11.85
C THR B 206 -7.34 5.36 10.42
N PHE B 207 -7.90 6.36 9.73
CA PHE B 207 -8.42 6.17 8.37
C PHE B 207 -7.84 7.22 7.44
N ALA B 208 -8.06 7.02 6.14
CA ALA B 208 -7.63 7.93 5.09
C ALA B 208 -8.79 8.80 4.62
N LEU B 209 -8.52 10.08 4.39
CA LEU B 209 -9.59 11.05 4.15
C LEU B 209 -10.08 11.05 2.69
N ARG B 210 -9.23 10.69 1.74
CA ARG B 210 -9.63 10.71 0.33
C ARG B 210 -10.79 9.75 0.09
N TYR B 211 -10.68 8.53 0.61
CA TYR B 211 -11.72 7.53 0.40
C TYR B 211 -12.98 7.90 1.18
N LEU B 212 -12.83 8.60 2.31
CA LEU B 212 -13.99 9.05 3.05
C LEU B 212 -14.74 10.13 2.28
N ASN B 213 -14.03 11.00 1.58
CA ASN B 213 -14.71 11.99 0.74
C ASN B 213 -15.37 11.33 -0.47
N PHE B 214 -14.72 10.33 -1.07
CA PHE B 214 -15.37 9.54 -2.10
C PHE B 214 -16.68 8.96 -1.59
N PHE B 215 -16.65 8.35 -0.39
CA PHE B 215 -17.87 7.80 0.19
C PHE B 215 -18.88 8.91 0.48
N THR B 216 -18.37 10.10 0.81
CA THR B 216 -19.20 11.23 1.18
C THR B 216 -20.00 11.75 0.00
N LYS B 217 -19.46 11.61 -1.20
CA LYS B 217 -20.17 12.08 -2.38
C LYS B 217 -21.59 11.53 -2.50
N ALA B 218 -21.90 10.46 -1.76
CA ALA B 218 -23.22 9.84 -1.76
C ALA B 218 -24.15 10.44 -0.70
N THR B 219 -23.87 11.66 -0.24
CA THR B 219 -24.61 12.28 0.86
C THR B 219 -26.07 12.57 0.52
N PRO B 220 -26.42 13.10 -0.65
CA PRO B 220 -27.83 13.44 -0.91
C PRO B 220 -28.76 12.24 -0.97
N LEU B 221 -28.24 11.02 -0.89
CA LEU B 221 -29.08 9.83 -0.96
C LEU B 221 -29.90 9.66 0.31
N SER B 222 -29.25 9.71 1.46
CA SER B 222 -29.92 9.53 2.74
C SER B 222 -29.67 10.74 3.62
N SER B 223 -30.62 10.98 4.52
CA SER B 223 -30.44 12.02 5.52
C SER B 223 -29.63 11.55 6.71
N THR B 224 -29.53 10.24 6.90
CA THR B 224 -28.80 9.65 8.02
C THR B 224 -27.70 8.72 7.52
N VAL B 225 -26.52 8.85 8.11
CA VAL B 225 -25.40 7.93 7.94
C VAL B 225 -25.20 7.14 9.21
N THR B 226 -24.72 5.90 9.07
CA THR B 226 -24.30 5.09 10.20
C THR B 226 -22.84 4.70 10.03
N LEU B 227 -22.00 5.09 10.98
CA LEU B 227 -20.61 4.68 11.05
C LEU B 227 -20.48 3.47 11.98
N SER B 228 -19.68 2.50 11.55
CA SER B 228 -19.45 1.28 12.32
C SER B 228 -17.95 1.02 12.38
N MET B 229 -17.40 1.03 13.60
CA MET B 229 -15.97 0.88 13.81
C MET B 229 -15.70 -0.21 14.83
N SER B 230 -14.54 -0.83 14.67
CA SER B 230 -13.98 -1.77 15.63
C SER B 230 -12.49 -1.85 15.33
N ALA B 231 -11.72 -2.26 16.34
CA ALA B 231 -10.27 -2.28 16.21
C ALA B 231 -9.83 -3.21 15.08
N ASP B 232 -8.93 -2.71 14.24
CA ASP B 232 -8.24 -3.52 13.24
C ASP B 232 -9.12 -4.00 12.09
N VAL B 233 -10.43 -3.75 12.16
CA VAL B 233 -11.33 -4.14 11.07
C VAL B 233 -11.80 -2.89 10.33
N PRO B 234 -12.24 -3.01 9.08
CA PRO B 234 -12.57 -1.82 8.29
C PRO B 234 -13.75 -1.03 8.85
N LEU B 235 -13.82 0.24 8.43
CA LEU B 235 -14.93 1.12 8.73
C LEU B 235 -16.09 0.90 7.78
N VAL B 236 -17.30 0.90 8.34
CA VAL B 236 -18.55 0.70 7.60
C VAL B 236 -19.32 2.01 7.62
N VAL B 237 -19.43 2.65 6.46
CA VAL B 237 -20.24 3.84 6.28
C VAL B 237 -21.51 3.42 5.53
N GLU B 238 -22.68 3.52 6.17
CA GLU B 238 -23.91 2.99 5.58
C GLU B 238 -24.92 4.11 5.37
N TYR B 239 -25.47 4.14 4.13
CA TYR B 239 -26.53 5.03 3.68
C TYR B 239 -27.77 4.24 3.26
N LYS B 240 -28.93 4.74 3.68
CA LYS B 240 -30.22 4.20 3.25
C LYS B 240 -30.62 4.83 1.91
N ILE B 241 -31.18 4.01 1.01
CA ILE B 241 -31.73 4.56 -0.22
C ILE B 241 -33.24 4.66 -0.12
N ALA B 242 -33.71 5.63 0.67
CA ALA B 242 -35.13 5.90 0.86
C ALA B 242 -36.04 4.68 0.77
N ASP B 243 -36.83 4.60 -0.29
CA ASP B 243 -37.73 3.45 -0.52
C ASP B 243 -37.11 2.42 -1.49
N MET B 244 -35.84 1.98 -1.21
CA MET B 244 -35.28 0.87 -1.98
C MET B 244 -34.27 0.04 -1.16
N GLY B 245 -32.96 0.26 -1.38
CA GLY B 245 -31.94 -0.53 -0.71
C GLY B 245 -30.96 0.27 0.12
N HIS B 246 -29.69 -0.06 -0.02
CA HIS B 246 -28.67 0.54 0.81
C HIS B 246 -27.33 0.55 0.08
N LEU B 247 -26.50 1.52 0.48
CA LEU B 247 -25.08 1.57 0.16
C LEU B 247 -24.25 1.43 1.42
N LYS B 248 -23.26 0.55 1.33
CA LYS B 248 -22.34 0.28 2.43
C LYS B 248 -20.93 0.41 1.88
N TYR B 249 -20.15 1.30 2.47
CA TYR B 249 -18.77 1.52 2.09
C TYR B 249 -17.86 0.97 3.18
N TYR B 250 -16.81 0.28 2.76
CA TYR B 250 -15.89 -0.36 3.68
C TYR B 250 -14.50 0.18 3.37
N LEU B 251 -13.77 0.58 4.41
CA LEU B 251 -12.39 1.00 4.16
C LEU B 251 -11.46 0.47 5.24
N ALA B 252 -10.27 0.03 4.81
CA ALA B 252 -9.30 -0.61 5.69
C ALA B 252 -8.48 0.43 6.43
N PRO B 253 -8.30 0.27 7.75
CA PRO B 253 -7.61 1.30 8.54
C PRO B 253 -6.16 1.48 8.14
N LYS B 254 -5.59 2.57 8.62
CA LYS B 254 -4.15 2.81 8.54
C LYS B 254 -3.47 2.11 9.71
N ILE B 255 -2.56 1.18 9.42
CA ILE B 255 -1.81 0.52 10.47
C ILE B 255 -0.48 -0.01 9.93
N MET C 1 19.93 29.40 2.20
CA MET C 1 19.66 28.02 1.80
C MET C 1 20.56 27.03 2.52
N PHE C 2 19.96 25.92 2.98
CA PHE C 2 20.72 24.83 3.57
C PHE C 2 21.02 23.78 2.50
N GLU C 3 22.25 23.25 2.55
CA GLU C 3 22.72 22.25 1.61
C GLU C 3 23.77 21.40 2.30
N ALA C 4 23.49 20.12 2.52
CA ALA C 4 24.43 19.18 3.12
C ALA C 4 24.66 18.03 2.14
N ARG C 5 25.90 17.91 1.68
CA ARG C 5 26.33 16.78 0.87
C ARG C 5 27.06 15.79 1.77
N LEU C 6 26.63 14.53 1.71
CA LEU C 6 27.18 13.44 2.52
C LEU C 6 27.43 12.23 1.64
N VAL C 7 28.53 11.53 1.93
CA VAL C 7 28.96 10.39 1.12
C VAL C 7 28.52 9.07 1.75
N GLN C 8 28.59 8.95 3.07
CA GLN C 8 28.15 7.75 3.78
C GLN C 8 26.72 7.95 4.25
N GLY C 9 25.78 7.57 3.39
CA GLY C 9 24.37 7.67 3.77
C GLY C 9 23.92 6.57 4.69
N SER C 10 24.72 5.52 4.83
CA SER C 10 24.46 4.48 5.81
C SER C 10 24.21 5.07 7.19
N ILE C 11 25.02 6.05 7.58
CA ILE C 11 24.87 6.71 8.88
C ILE C 11 23.46 7.28 9.03
N LEU C 12 23.05 8.12 8.09
CA LEU C 12 21.74 8.76 8.18
C LEU C 12 20.61 7.74 8.16
N LYS C 13 20.74 6.71 7.33
CA LYS C 13 19.75 5.63 7.32
C LYS C 13 19.65 4.98 8.69
N LYS C 14 20.79 4.64 9.27
CA LYS C 14 20.83 4.02 10.58
C LYS C 14 20.16 4.89 11.63
N VAL C 15 20.48 6.19 11.61
CA VAL C 15 19.88 7.13 12.55
C VAL C 15 18.36 7.13 12.41
N LEU C 16 17.87 7.26 11.17
CA LEU C 16 16.43 7.29 10.97
C LEU C 16 15.77 6.02 11.48
N GLU C 17 16.31 4.86 11.12
CA GLU C 17 15.78 3.61 11.64
C GLU C 17 15.83 3.57 13.16
N ALA C 18 16.82 4.24 13.76
CA ALA C 18 16.92 4.28 15.21
C ALA C 18 15.77 5.07 15.84
N LEU C 19 15.53 6.30 15.40
CA LEU C 19 14.56 7.13 16.09
C LEU C 19 13.17 7.06 15.46
N LYS C 20 13.01 6.29 14.38
CA LYS C 20 11.72 6.19 13.69
C LYS C 20 10.62 5.71 14.63
N ASP C 21 10.95 4.78 15.52
CA ASP C 21 9.92 4.14 16.35
C ASP C 21 9.68 4.89 17.65
N LEU C 22 10.70 5.58 18.18
CA LEU C 22 10.55 6.29 19.44
C LEU C 22 9.76 7.58 19.27
N ILE C 23 10.18 8.43 18.33
CA ILE C 23 9.55 9.74 18.11
C ILE C 23 8.66 9.69 16.88
N ASN C 24 7.52 10.36 16.96
CA ASN C 24 6.56 10.41 15.86
C ASN C 24 6.81 11.62 14.96
N GLU C 25 6.67 12.82 15.51
CA GLU C 25 6.96 14.07 14.83
C GLU C 25 8.06 14.77 15.60
N ALA C 26 9.02 15.34 14.90
CA ALA C 26 10.16 15.94 15.59
C ALA C 26 10.48 17.34 15.05
N CYS C 27 11.47 17.97 15.69
CA CYS C 27 11.95 19.31 15.35
C CYS C 27 13.43 19.19 14.99
N TRP C 28 13.74 19.32 13.70
CA TRP C 28 15.13 19.33 13.25
C TRP C 28 15.60 20.77 13.23
N ASP C 29 16.53 21.11 14.12
CA ASP C 29 17.17 22.42 14.17
C ASP C 29 18.46 22.40 13.38
N ILE C 30 18.44 23.00 12.19
CA ILE C 30 19.61 23.08 11.31
C ILE C 30 20.17 24.48 11.40
N SER C 31 21.49 24.59 11.61
CA SER C 31 22.18 25.86 11.64
C SER C 31 23.55 25.68 10.99
N SER C 32 24.37 26.73 11.01
CA SER C 32 25.70 26.66 10.42
C SER C 32 26.66 25.81 11.22
N SER C 33 26.26 25.32 12.40
CA SER C 33 27.08 24.41 13.20
C SER C 33 26.74 22.96 12.95
N GLY C 34 25.46 22.64 12.81
CA GLY C 34 25.05 21.30 12.47
C GLY C 34 23.56 21.13 12.65
N VAL C 35 23.13 19.90 12.43
CA VAL C 35 21.74 19.51 12.62
C VAL C 35 21.59 19.02 14.05
N ASN C 36 20.65 19.61 14.78
CA ASN C 36 20.44 19.29 16.20
C ASN C 36 18.98 18.98 16.42
N LEU C 37 18.71 17.81 16.98
CA LEU C 37 17.37 17.39 17.34
C LEU C 37 17.31 17.13 18.84
N GLN C 38 16.21 17.53 19.47
CA GLN C 38 16.02 17.29 20.89
C GLN C 38 14.53 17.17 21.13
N SER C 39 14.09 15.96 21.44
CA SER C 39 12.65 15.68 21.55
C SER C 39 12.43 14.63 22.62
N MET C 40 11.17 14.33 22.89
CA MET C 40 10.78 13.27 23.81
C MET C 40 9.98 12.22 23.04
N ASP C 41 9.45 11.23 23.75
CA ASP C 41 8.67 10.17 23.17
C ASP C 41 7.19 10.40 23.47
N SER C 42 6.37 9.38 23.26
CA SER C 42 4.94 9.54 23.47
C SER C 42 4.66 9.74 24.95
N SER C 43 3.71 10.63 25.25
CA SER C 43 3.39 11.04 26.62
C SER C 43 4.58 11.75 27.28
N HIS C 44 5.55 12.17 26.46
CA HIS C 44 6.76 12.90 26.88
C HIS C 44 7.47 12.18 28.04
N VAL C 45 7.90 10.96 27.74
CA VAL C 45 8.70 10.14 28.65
C VAL C 45 10.00 9.81 27.93
N SER C 46 11.11 9.89 28.67
CA SER C 46 12.46 9.72 28.13
C SER C 46 12.79 10.86 27.16
N LEU C 47 14.05 10.95 26.73
CA LEU C 47 14.48 12.07 25.89
C LEU C 47 15.52 11.62 24.89
N VAL C 48 15.45 12.18 23.68
CA VAL C 48 16.37 11.88 22.60
C VAL C 48 17.07 13.17 22.20
N GLN C 49 18.41 13.09 22.08
CA GLN C 49 19.26 14.23 21.73
C GLN C 49 20.20 13.80 20.62
N LEU C 50 19.95 14.28 19.40
CA LEU C 50 20.78 14.01 18.24
C LEU C 50 21.60 15.26 17.91
N THR C 51 22.89 15.07 17.64
CA THR C 51 23.76 16.18 17.29
C THR C 51 24.69 15.74 16.18
N LEU C 52 24.49 16.27 14.97
CA LEU C 52 25.40 16.07 13.86
C LEU C 52 26.00 17.42 13.51
N ARG C 53 27.32 17.46 13.32
CA ARG C 53 27.99 18.74 13.18
C ARG C 53 28.46 18.96 11.75
N SER C 54 28.57 20.25 11.38
CA SER C 54 28.92 20.63 10.02
C SER C 54 30.22 19.99 9.58
N GLU C 55 31.21 19.92 10.47
CA GLU C 55 32.52 19.42 10.09
C GLU C 55 32.47 17.95 9.69
N GLY C 56 31.41 17.24 10.06
CA GLY C 56 31.25 15.86 9.62
C GLY C 56 30.72 15.74 8.22
N PHE C 57 29.86 16.67 7.81
CA PHE C 57 29.29 16.65 6.47
C PHE C 57 30.35 16.94 5.41
N ASP C 58 30.16 16.36 4.23
CA ASP C 58 31.12 16.54 3.15
C ASP C 58 30.98 17.90 2.49
N THR C 59 29.79 18.51 2.52
CA THR C 59 29.62 19.88 2.05
C THR C 59 28.47 20.50 2.84
N TYR C 60 28.81 21.24 3.88
CA TYR C 60 27.81 21.93 4.70
C TYR C 60 27.71 23.40 4.32
N ARG C 61 26.49 23.87 4.11
CA ARG C 61 26.23 25.27 3.81
C ARG C 61 24.90 25.62 4.46
N CYS C 62 24.93 26.51 5.45
CA CYS C 62 23.70 26.99 6.08
C CYS C 62 23.69 28.51 6.14
N ASP C 63 22.49 29.07 5.99
CA ASP C 63 22.30 30.52 5.99
C ASP C 63 21.48 31.00 7.18
N ARG C 64 20.32 30.41 7.41
CA ARG C 64 19.47 30.80 8.53
C ARG C 64 19.04 29.56 9.32
N ASN C 65 18.61 29.82 10.56
CA ASN C 65 18.15 28.76 11.46
C ASN C 65 16.89 28.12 10.88
N LEU C 66 16.98 26.85 10.54
CA LEU C 66 15.83 26.11 10.02
C LEU C 66 15.28 25.20 11.11
N ALA C 67 13.97 25.24 11.30
CA ALA C 67 13.29 24.40 12.28
C ALA C 67 12.23 23.61 11.51
N MET C 68 12.54 22.37 11.16
CA MET C 68 11.65 21.56 10.33
C MET C 68 10.89 20.53 11.15
N GLY C 69 9.59 20.44 10.90
CA GLY C 69 8.77 19.44 11.55
C GLY C 69 8.62 18.21 10.68
N VAL C 70 9.31 17.14 11.07
CA VAL C 70 9.42 15.94 10.25
C VAL C 70 8.59 14.82 10.86
N ASN C 71 8.07 13.97 9.96
CA ASN C 71 7.40 12.71 10.27
C ASN C 71 8.45 11.65 9.98
N LEU C 72 9.14 11.25 11.04
CA LEU C 72 10.36 10.45 10.93
C LEU C 72 10.14 9.13 10.18
N THR C 73 8.89 8.66 10.11
CA THR C 73 8.60 7.46 9.33
C THR C 73 8.73 7.73 7.84
N SER C 74 8.15 8.85 7.37
CA SER C 74 8.32 9.24 5.97
C SER C 74 9.79 9.38 5.60
N MET C 75 10.57 10.04 6.47
CA MET C 75 12.00 10.18 6.20
C MET C 75 12.68 8.82 6.20
N SER C 76 12.28 7.92 7.09
CA SER C 76 12.87 6.59 7.11
C SER C 76 12.56 5.84 5.82
N LYS C 77 11.35 6.01 5.28
CA LYS C 77 11.02 5.43 3.99
C LYS C 77 11.86 6.00 2.87
N ILE C 78 12.04 7.33 2.86
CA ILE C 78 12.79 7.96 1.78
C ILE C 78 14.25 7.54 1.83
N LEU C 79 14.82 7.43 3.03
CA LEU C 79 16.19 6.93 3.17
C LEU C 79 16.28 5.42 3.01
N LYS C 80 15.17 4.71 3.11
CA LYS C 80 15.12 3.33 2.66
C LYS C 80 15.24 3.25 1.15
N CYS C 81 14.66 4.24 0.45
CA CYS C 81 14.87 4.35 -1.00
C CYS C 81 16.30 4.77 -1.34
N ALA C 82 17.15 5.00 -0.34
CA ALA C 82 18.51 5.46 -0.54
C ALA C 82 19.44 4.26 -0.60
N GLY C 83 20.35 4.26 -1.59
CA GLY C 83 21.40 3.27 -1.61
C GLY C 83 22.40 3.53 -0.51
N ASN C 84 22.92 2.45 0.07
CA ASN C 84 23.89 2.57 1.16
C ASN C 84 25.22 3.12 0.67
N GLU C 85 25.53 2.93 -0.61
CA GLU C 85 26.71 3.53 -1.22
C GLU C 85 26.33 4.81 -1.97
N ILE C 87 25.40 8.79 -2.76
CA ILE C 87 25.62 10.14 -2.26
C ILE C 87 24.30 10.80 -1.91
N ILE C 88 24.21 11.36 -0.70
CA ILE C 88 22.97 11.88 -0.16
C ILE C 88 23.12 13.40 -0.09
N THR C 89 22.09 14.12 -0.54
CA THR C 89 22.09 15.58 -0.47
C THR C 89 20.81 16.04 0.23
N LEU C 90 20.95 16.60 1.42
CA LEU C 90 19.85 17.29 2.08
C LEU C 90 19.86 18.75 1.67
N ARG C 91 18.66 19.32 1.48
CA ARG C 91 18.59 20.69 1.02
C ARG C 91 17.28 21.32 1.48
N ALA C 92 17.31 22.63 1.66
CA ALA C 92 16.10 23.37 2.02
C ALA C 92 16.32 24.84 1.74
N GLU C 93 15.22 25.56 1.51
CA GLU C 93 15.26 26.99 1.24
C GLU C 93 14.99 27.79 2.52
N ASP C 94 15.45 29.04 2.49
CA ASP C 94 15.34 29.93 3.66
C ASP C 94 13.95 29.92 4.27
N ASN C 95 12.91 29.80 3.43
CA ASN C 95 11.54 29.85 3.89
C ASN C 95 10.70 28.66 3.45
N ALA C 96 11.27 27.70 2.73
CA ALA C 96 10.49 26.61 2.17
C ALA C 96 9.86 25.75 3.27
N ASP C 97 8.73 25.15 2.93
CA ASP C 97 7.99 24.29 3.84
C ASP C 97 8.18 22.82 3.46
N THR C 98 9.26 22.51 2.75
CA THR C 98 9.57 21.16 2.29
C THR C 98 11.07 20.91 2.38
N LEU C 99 11.44 19.70 2.79
CA LEU C 99 12.84 19.29 2.84
C LEU C 99 13.16 18.40 1.64
N ALA C 100 14.24 18.71 0.92
CA ALA C 100 14.59 18.01 -0.31
C ALA C 100 15.72 17.02 -0.06
N LEU C 101 15.53 15.79 -0.52
CA LEU C 101 16.54 14.74 -0.48
C LEU C 101 16.89 14.36 -1.91
N VAL C 102 18.19 14.28 -2.19
CA VAL C 102 18.70 14.00 -3.53
C VAL C 102 19.69 12.84 -3.43
N PHE C 103 19.34 11.71 -4.02
CA PHE C 103 20.17 10.51 -3.98
C PHE C 103 20.83 10.34 -5.34
N GLU C 104 22.16 10.27 -5.36
CA GLU C 104 22.90 10.24 -6.60
C GLU C 104 24.02 9.21 -6.53
N ALA C 105 24.11 8.36 -7.56
CA ALA C 105 25.13 7.32 -7.57
C ALA C 105 26.47 7.91 -7.99
N PRO C 106 27.58 7.40 -7.43
CA PRO C 106 28.90 7.88 -7.86
C PRO C 106 29.10 7.86 -9.37
N ASN C 107 28.77 6.74 -10.01
CA ASN C 107 28.75 6.69 -11.47
C ASN C 107 27.42 7.20 -11.97
N GLN C 108 27.46 8.08 -12.97
CA GLN C 108 26.25 8.78 -13.41
C GLN C 108 25.30 7.76 -14.02
N GLU C 109 24.35 7.29 -13.22
CA GLU C 109 23.42 6.26 -13.67
C GLU C 109 21.98 6.53 -13.23
N LYS C 110 21.78 6.66 -11.93
CA LYS C 110 20.45 6.86 -11.34
C LYS C 110 20.48 8.03 -10.38
N VAL C 111 19.48 8.92 -10.50
CA VAL C 111 19.37 10.11 -9.66
C VAL C 111 17.93 10.20 -9.15
N SER C 112 17.71 9.83 -7.90
CA SER C 112 16.41 9.94 -7.25
C SER C 112 16.28 11.30 -6.57
N ASP C 113 15.11 11.92 -6.72
CA ASP C 113 14.87 13.27 -6.22
C ASP C 113 13.55 13.29 -5.47
N TYR C 114 13.60 13.35 -4.15
CA TYR C 114 12.41 13.40 -3.31
C TYR C 114 12.32 14.74 -2.61
N GLU C 115 11.10 15.16 -2.33
CA GLU C 115 10.85 16.41 -1.61
C GLU C 115 9.69 16.13 -0.65
N MET C 116 9.97 16.13 0.65
CA MET C 116 8.99 15.75 1.65
C MET C 116 8.35 16.98 2.29
N LYS C 117 7.04 16.87 2.51
CA LYS C 117 6.27 17.89 3.20
C LYS C 117 6.62 17.90 4.69
N LEU C 118 6.68 19.10 5.25
CA LEU C 118 6.89 19.31 6.67
C LEU C 118 5.56 19.31 7.42
N MET C 119 5.64 19.54 8.73
CA MET C 119 4.48 19.54 9.62
C MET C 119 4.56 20.80 10.47
N ASP C 120 3.74 20.90 11.50
CA ASP C 120 3.64 22.13 12.29
C ASP C 120 4.19 21.89 13.70
N LEU C 121 5.24 22.62 14.04
CA LEU C 121 5.90 22.50 15.32
C LEU C 121 5.05 23.12 16.42
N ASP C 122 5.03 22.48 17.59
CA ASP C 122 4.27 22.99 18.72
C ASP C 122 4.82 22.42 20.02
N LEU C 126 13.05 21.90 26.57
CA LEU C 126 13.88 22.11 27.75
C LEU C 126 15.36 21.84 27.44
N GLY C 127 16.22 22.30 28.34
CA GLY C 127 17.65 22.14 28.19
C GLY C 127 18.15 20.85 28.80
N ILE C 128 19.26 20.35 28.28
CA ILE C 128 19.84 19.11 28.78
C ILE C 128 21.12 19.40 29.55
N PRO C 129 21.07 19.40 30.89
CA PRO C 129 22.20 19.58 31.81
C PRO C 129 23.31 18.56 31.61
N GLN C 131 25.73 16.98 33.53
CA GLN C 131 25.86 16.51 34.89
C GLN C 131 27.15 15.73 35.11
N GLU C 132 27.45 15.45 36.38
CA GLU C 132 28.51 14.52 36.76
C GLU C 132 27.84 13.25 37.26
N TYR C 133 28.21 12.11 36.67
CA TYR C 133 27.52 10.87 36.94
C TYR C 133 28.32 9.98 37.88
N SER C 134 27.59 9.19 38.68
CA SER C 134 28.22 8.30 39.64
C SER C 134 29.03 7.22 38.95
N CYS C 135 28.39 6.42 38.12
CA CYS C 135 29.04 5.34 37.38
C CYS C 135 29.02 5.65 35.88
N VAL C 136 30.13 5.31 35.22
CA VAL C 136 30.29 5.54 33.78
C VAL C 136 30.91 4.28 33.20
N VAL C 137 30.11 3.51 32.47
CA VAL C 137 30.54 2.27 31.84
C VAL C 137 30.77 2.51 30.35
N LYS C 138 31.78 1.84 29.78
CA LYS C 138 32.09 1.90 28.36
C LYS C 138 32.17 0.49 27.82
N MET C 139 31.13 0.02 27.14
CA MET C 139 31.09 -1.35 26.65
C MET C 139 30.75 -1.36 25.17
N PRO C 140 30.83 -2.52 24.51
CA PRO C 140 30.34 -2.62 23.14
C PRO C 140 28.82 -2.55 23.07
N SER C 141 28.32 -1.98 21.98
CA SER C 141 26.88 -1.82 21.81
C SER C 141 26.18 -3.16 21.54
N GLY C 142 26.88 -4.10 20.88
CA GLY C 142 26.25 -5.37 20.56
C GLY C 142 25.88 -6.18 21.78
N GLU C 143 26.79 -6.27 22.76
CA GLU C 143 26.49 -7.03 23.97
C GLU C 143 25.41 -6.34 24.79
N PHE C 144 25.39 -5.01 24.79
CA PHE C 144 24.30 -4.27 25.40
C PHE C 144 22.97 -4.65 24.74
N ALA C 145 22.96 -4.76 23.41
CA ALA C 145 21.75 -5.17 22.70
C ALA C 145 21.29 -6.54 23.16
N ARG C 146 22.21 -7.51 23.14
CA ARG C 146 21.89 -8.85 23.63
C ARG C 146 21.29 -8.80 25.02
N ILE C 147 22.11 -8.36 26.01
CA ILE C 147 21.67 -8.37 27.41
C ILE C 147 20.33 -7.69 27.59
N CYS C 148 20.08 -6.57 26.90
CA CYS C 148 18.79 -5.90 27.05
C CYS C 148 17.66 -6.78 26.55
N ARG C 149 17.81 -7.37 25.37
CA ARG C 149 16.78 -8.28 24.87
C ARG C 149 16.59 -9.47 25.80
N ASP C 150 17.70 -10.14 26.13
CA ASP C 150 17.71 -11.31 27.01
C ASP C 150 16.92 -11.04 28.29
N LEU C 151 17.29 -9.99 29.03
CA LEU C 151 16.59 -9.71 30.27
C LEU C 151 15.21 -9.13 30.02
N SER C 152 14.94 -8.63 28.80
CA SER C 152 13.57 -8.26 28.46
C SER C 152 12.69 -9.49 28.32
N HIS C 153 13.30 -10.65 28.06
CA HIS C 153 12.52 -11.88 28.01
C HIS C 153 12.18 -12.37 29.41
N ILE C 154 13.00 -12.02 30.41
CA ILE C 154 12.79 -12.49 31.77
C ILE C 154 11.78 -11.60 32.49
N GLY C 155 11.96 -10.28 32.38
CA GLY C 155 11.07 -9.33 33.00
C GLY C 155 11.07 -8.05 32.19
N ASP C 156 10.26 -7.10 32.62
CA ASP C 156 10.14 -5.81 31.95
C ASP C 156 11.00 -4.72 32.57
N ALA C 157 11.74 -5.03 33.65
CA ALA C 157 12.55 -4.04 34.35
C ALA C 157 13.96 -4.58 34.51
N VAL C 158 14.93 -3.68 34.47
CA VAL C 158 16.34 -4.05 34.58
C VAL C 158 16.97 -3.35 35.79
N VAL C 159 17.92 -4.04 36.40
CA VAL C 159 18.65 -3.54 37.57
C VAL C 159 20.13 -3.55 37.25
N ILE C 160 20.70 -2.38 37.02
CA ILE C 160 22.13 -2.24 36.76
C ILE C 160 22.86 -2.00 38.08
N SER C 161 23.88 -2.81 38.35
CA SER C 161 24.66 -2.73 39.58
C SER C 161 26.12 -2.58 39.20
N CYS C 162 26.64 -1.36 39.28
CA CYS C 162 28.03 -1.07 38.96
C CYS C 162 28.87 -1.05 40.25
N ALA C 163 30.02 -1.72 40.20
CA ALA C 163 30.94 -1.89 41.33
C ALA C 163 32.38 -1.68 40.90
N LYS C 164 33.33 -2.28 41.62
CA LYS C 164 34.73 -2.02 41.34
C LYS C 164 35.27 -2.86 40.18
N ASP C 165 34.69 -4.05 39.91
CA ASP C 165 35.20 -4.91 38.85
C ASP C 165 34.21 -5.28 37.77
N GLY C 166 32.93 -5.00 37.93
CA GLY C 166 32.01 -5.51 36.94
C GLY C 166 30.68 -4.81 36.99
N VAL C 167 30.00 -4.86 35.85
CA VAL C 167 28.63 -4.38 35.71
C VAL C 167 27.71 -5.59 35.72
N LYS C 168 26.55 -5.44 36.35
CA LYS C 168 25.64 -6.56 36.56
C LYS C 168 24.23 -6.16 36.17
N PHE C 169 23.59 -6.99 35.37
CA PHE C 169 22.22 -6.77 34.93
C PHE C 169 21.34 -7.88 35.48
N SER C 170 20.17 -7.49 36.00
CA SER C 170 19.34 -8.41 36.75
C SER C 170 17.87 -8.16 36.43
N ALA C 171 17.14 -9.23 36.20
CA ALA C 171 15.70 -9.18 35.99
C ALA C 171 15.04 -10.23 36.87
N SER C 172 13.78 -9.99 37.22
CA SER C 172 13.08 -10.87 38.15
C SER C 172 11.59 -10.84 37.84
N GLY C 173 11.09 -11.93 37.25
CA GLY C 173 9.68 -11.99 36.91
C GLY C 173 8.94 -13.10 37.64
N GLU C 174 7.81 -13.54 37.09
CA GLU C 174 6.99 -14.54 37.74
C GLU C 174 7.45 -15.97 37.48
N LEU C 175 8.49 -16.16 36.66
CA LEU C 175 8.97 -17.48 36.33
C LEU C 175 10.48 -17.61 36.57
N GLY C 176 11.09 -16.68 37.28
CA GLY C 176 12.46 -16.80 37.69
C GLY C 176 13.17 -15.47 37.65
N ASN C 177 14.50 -15.54 37.58
CA ASN C 177 15.35 -14.35 37.58
C ASN C 177 16.54 -14.59 36.66
N GLY C 178 17.19 -13.49 36.29
CA GLY C 178 18.36 -13.57 35.44
C GLY C 178 19.40 -12.56 35.86
N ASN C 179 20.67 -12.93 35.74
CA ASN C 179 21.76 -12.10 36.21
C ASN C 179 22.97 -12.31 35.31
N ILE C 180 23.26 -11.32 34.48
CA ILE C 180 24.46 -11.31 33.66
C ILE C 180 25.48 -10.39 34.33
N LYS C 181 26.75 -10.76 34.21
CA LYS C 181 27.82 -10.02 34.89
C LYS C 181 29.03 -9.95 33.96
N LEU C 182 29.44 -8.73 33.65
CA LEU C 182 30.66 -8.48 32.89
C LEU C 182 31.69 -7.94 33.86
N SER C 183 32.95 -8.35 33.68
CA SER C 183 33.96 -8.01 34.67
C SER C 183 35.12 -7.24 34.03
N GLN C 184 35.87 -6.55 34.88
CA GLN C 184 36.90 -5.60 34.45
C GLN C 184 38.23 -6.31 34.21
N THR C 185 38.28 -7.11 33.16
CA THR C 185 39.55 -7.72 32.81
C THR C 185 40.31 -6.74 31.92
N SER C 186 41.62 -6.64 32.18
CA SER C 186 42.51 -5.77 31.41
C SER C 186 43.88 -6.41 31.45
N ASN C 187 44.65 -6.21 30.38
CA ASN C 187 45.96 -6.82 30.27
C ASN C 187 46.98 -5.86 29.66
N VAL C 188 48.21 -6.36 29.52
CA VAL C 188 49.31 -5.57 28.99
C VAL C 188 49.51 -5.85 27.51
N GLU C 191 48.27 -6.82 24.60
CA GLU C 191 46.98 -7.21 25.16
C GLU C 191 46.22 -5.99 25.68
N GLU C 192 44.97 -5.86 25.27
CA GLU C 192 44.14 -4.71 25.57
C GLU C 192 43.04 -5.07 26.56
N GLU C 193 42.17 -4.09 26.83
CA GLU C 193 40.98 -4.26 27.64
C GLU C 193 39.73 -3.98 26.79
N ALA C 194 38.61 -4.57 27.20
CA ALA C 194 37.37 -4.51 26.44
C ALA C 194 36.29 -3.68 27.12
N VAL C 195 36.01 -3.93 28.40
CA VAL C 195 35.05 -3.16 29.18
C VAL C 195 35.80 -2.40 30.27
N THR C 196 35.55 -1.09 30.35
CA THR C 196 36.17 -0.24 31.35
C THR C 196 35.12 0.68 31.95
N ILE C 197 35.17 0.82 33.28
CA ILE C 197 34.22 1.61 34.05
C ILE C 197 34.96 2.70 34.82
N GLU C 198 34.34 3.87 34.93
CA GLU C 198 34.85 4.98 35.73
C GLU C 198 33.89 5.15 36.91
N MET C 199 34.19 4.46 38.00
CA MET C 199 33.35 4.43 39.19
C MET C 199 33.85 5.41 40.24
N ASN C 200 32.92 6.18 40.81
CA ASN C 200 33.20 7.01 41.97
C ASN C 200 32.37 6.63 43.18
N GLU C 201 31.23 5.98 43.00
CA GLU C 201 30.39 5.43 44.04
C GLU C 201 29.54 4.33 43.43
N PRO C 202 29.62 3.11 43.95
CA PRO C 202 28.89 1.99 43.34
C PRO C 202 27.40 2.28 43.24
N VAL C 203 26.81 1.87 42.12
CA VAL C 203 25.44 2.24 41.80
C VAL C 203 24.58 0.99 41.70
N GLN C 204 23.31 1.14 42.05
CA GLN C 204 22.32 0.07 42.04
C GLN C 204 21.02 0.74 41.60
N LEU C 205 20.70 0.67 40.31
CA LEU C 205 19.62 1.45 39.74
C LEU C 205 18.66 0.56 38.98
N THR C 206 17.39 0.95 38.98
CA THR C 206 16.33 0.18 38.34
C THR C 206 15.66 1.03 37.26
N PHE C 207 15.64 0.52 36.03
CA PHE C 207 15.04 1.19 34.88
C PHE C 207 14.04 0.26 34.22
N ALA C 208 13.29 0.80 33.27
CA ALA C 208 12.30 0.04 32.51
C ALA C 208 12.91 -0.40 31.18
N LEU C 209 12.68 -1.66 30.82
CA LEU C 209 13.41 -2.27 29.72
C LEU C 209 12.90 -1.86 28.34
N ARG C 210 11.62 -1.48 28.23
CA ARG C 210 11.07 -1.10 26.93
C ARG C 210 11.84 0.08 26.31
N TYR C 211 12.11 1.11 27.12
CA TYR C 211 12.82 2.27 26.59
C TYR C 211 14.29 1.99 26.32
N LEU C 212 14.93 1.10 27.09
CA LEU C 212 16.30 0.71 26.72
C LEU C 212 16.31 -0.11 25.44
N ASN C 213 15.28 -0.94 25.20
CA ASN C 213 15.21 -1.64 23.93
C ASN C 213 14.99 -0.67 22.78
N PHE C 214 14.19 0.37 23.01
CA PHE C 214 14.09 1.47 22.05
C PHE C 214 15.47 2.06 21.77
N PHE C 215 16.23 2.33 22.84
CA PHE C 215 17.56 2.92 22.71
C PHE C 215 18.51 2.00 21.95
N THR C 216 18.28 0.69 22.05
CA THR C 216 19.17 -0.28 21.44
C THR C 216 19.17 -0.20 19.92
N LYS C 217 18.06 0.22 19.31
CA LYS C 217 17.98 0.28 17.85
C LYS C 217 19.08 1.13 17.23
N ALA C 218 19.77 1.97 18.01
CA ALA C 218 20.86 2.79 17.50
C ALA C 218 22.21 2.07 17.57
N THR C 219 22.21 0.74 17.64
CA THR C 219 23.43 -0.05 17.79
C THR C 219 24.36 0.03 16.57
N PRO C 220 23.86 -0.06 15.33
CA PRO C 220 24.80 -0.06 14.19
C PRO C 220 25.53 1.26 13.98
N LEU C 221 25.21 2.31 14.75
CA LEU C 221 25.91 3.57 14.59
C LEU C 221 27.34 3.48 15.11
N SER C 222 27.50 3.02 16.34
CA SER C 222 28.81 2.88 16.96
C SER C 222 28.98 1.44 17.45
N SER C 223 30.24 1.02 17.54
CA SER C 223 30.56 -0.28 18.10
C SER C 223 30.61 -0.23 19.62
N THR C 224 30.74 0.95 20.20
CA THR C 224 30.83 1.15 21.64
C THR C 224 29.70 2.05 22.10
N VAL C 225 29.03 1.66 23.17
CA VAL C 225 28.08 2.48 23.89
C VAL C 225 28.68 2.88 25.22
N THR C 226 28.27 4.06 25.71
CA THR C 226 28.66 4.54 27.02
C THR C 226 27.41 4.74 27.85
N LEU C 227 27.36 4.07 28.99
CA LEU C 227 26.30 4.25 29.98
C LEU C 227 26.77 5.22 31.04
N SER C 228 25.90 6.15 31.43
CA SER C 228 26.22 7.14 32.44
C SER C 228 25.04 7.19 33.41
N MET C 229 25.27 6.78 34.65
CA MET C 229 24.20 6.66 35.63
C MET C 229 24.58 7.30 36.96
N SER C 230 23.55 7.75 37.67
CA SER C 230 23.67 8.22 39.04
C SER C 230 22.28 8.18 39.65
N ALA C 231 22.22 8.14 40.98
CA ALA C 231 20.96 7.98 41.68
C ALA C 231 20.00 9.13 41.36
N ASP C 232 18.74 8.76 41.06
CA ASP C 232 17.62 9.70 40.92
C ASP C 232 17.73 10.57 39.67
N VAL C 233 18.83 10.49 38.94
CA VAL C 233 18.98 11.25 37.71
C VAL C 233 18.90 10.28 36.54
N PRO C 234 18.53 10.74 35.34
CA PRO C 234 18.30 9.80 34.23
C PRO C 234 19.58 9.07 33.82
N LEU C 235 19.36 7.94 33.16
CA LEU C 235 20.42 7.17 32.54
C LEU C 235 20.71 7.76 31.17
N VAL C 236 21.99 7.87 30.85
CA VAL C 236 22.46 8.41 29.58
C VAL C 236 23.08 7.27 28.79
N VAL C 237 22.43 6.88 27.70
CA VAL C 237 22.96 5.90 26.76
C VAL C 237 23.50 6.69 25.57
N GLU C 238 24.82 6.67 25.37
CA GLU C 238 25.45 7.52 24.38
C GLU C 238 26.20 6.71 23.33
N TYR C 239 25.92 6.99 22.06
CA TYR C 239 26.67 6.45 20.94
C TYR C 239 27.32 7.61 20.19
N LYS C 240 28.62 7.50 19.94
CA LYS C 240 29.36 8.47 19.15
C LYS C 240 29.31 8.10 17.66
N ILE C 241 29.12 9.11 16.83
CA ILE C 241 29.22 8.96 15.37
C ILE C 241 30.55 9.53 14.89
N ALA C 242 31.36 8.66 14.25
CA ALA C 242 32.62 8.98 13.58
C ALA C 242 32.92 10.47 13.43
N ASP C 243 33.09 11.16 14.57
CA ASP C 243 33.43 12.59 14.66
C ASP C 243 32.40 13.48 13.96
N MET C 244 31.25 12.93 13.58
CA MET C 244 30.20 13.72 12.97
C MET C 244 29.21 14.20 14.01
N GLY C 245 28.90 13.36 14.99
CA GLY C 245 28.03 13.74 16.07
C GLY C 245 27.84 12.65 17.10
N HIS C 246 26.64 12.65 17.68
CA HIS C 246 26.31 11.71 18.74
C HIS C 246 24.80 11.54 18.83
N LEU C 247 24.40 10.39 19.34
CA LEU C 247 23.03 10.13 19.75
C LEU C 247 23.05 9.87 21.25
N LYS C 248 22.19 10.57 21.97
CA LYS C 248 22.15 10.49 23.43
C LYS C 248 20.72 10.22 23.85
N TYR C 249 20.51 9.13 24.57
CA TYR C 249 19.21 8.77 25.08
C TYR C 249 19.19 8.94 26.58
N TYR C 250 18.11 9.51 27.09
CA TYR C 250 17.96 9.78 28.52
C TYR C 250 16.71 9.07 29.00
N LEU C 251 16.81 8.39 30.13
CA LEU C 251 15.64 7.73 30.70
C LEU C 251 15.57 7.96 32.20
N ALA C 252 14.36 8.23 32.70
CA ALA C 252 14.28 8.53 34.13
C ALA C 252 14.18 7.22 34.93
N PRO C 253 15.02 7.04 35.95
CA PRO C 253 15.00 5.80 36.72
C PRO C 253 13.71 5.66 37.51
N LYS C 254 13.57 4.50 38.14
CA LYS C 254 12.47 4.27 39.06
C LYS C 254 12.76 4.93 40.41
N ILE C 255 11.70 5.07 41.21
CA ILE C 255 11.72 5.82 42.47
C ILE C 255 12.95 5.53 43.32
N GLN D 3 -0.01 1.51 5.51
CA GLN D 3 -1.35 1.34 6.05
C GLN D 3 -1.81 -0.12 5.82
N CYS D 4 -3.20 -0.53 6.05
CA CYS D 4 -3.56 -1.92 5.80
C CYS D 4 -4.30 -1.98 4.47
N SER D 5 -4.01 -3.07 3.52
CA SER D 5 -4.75 -3.13 2.27
C SER D 5 -6.14 -3.67 2.63
N MET D 6 -7.23 -3.73 1.65
CA MET D 6 -8.51 -4.29 2.12
C MET D 6 -8.49 -5.81 1.90
N THR D 7 -7.29 -6.43 1.31
CA THR D 7 -7.28 -7.89 1.14
C THR D 7 -6.37 -8.27 2.32
N CYS D 8 -7.01 -8.46 3.63
CA CYS D 8 -6.23 -8.80 4.81
C CYS D 8 -7.04 -9.51 5.92
N PHE D 9 -8.49 -9.59 6.11
CA PHE D 9 -9.66 -9.08 5.36
C PHE D 9 -9.77 -9.64 3.94
N TYR D 10 -10.84 -10.50 3.47
CA TYR D 10 -11.95 -11.01 4.27
C TYR D 10 -12.19 -12.41 3.70
N HIS D 11 -13.26 -12.65 2.74
CA ARG E 2 -9.89 10.22 -13.39
C ARG E 2 -9.22 8.91 -13.80
N GLN E 3 -9.79 7.62 -13.37
CA GLN E 3 -9.17 6.37 -13.75
C GLN E 3 -9.81 5.85 -15.04
N CYS E 4 -9.03 5.72 -16.30
CA CYS E 4 -9.70 5.21 -17.50
C CYS E 4 -9.87 3.70 -17.30
N SER E 5 -11.19 3.09 -17.50
CA SER E 5 -11.35 1.66 -17.22
C SER E 5 -12.12 0.78 -18.22
N MET E 6 -11.42 -0.07 -19.18
CA MET E 6 -9.98 -0.10 -19.40
C MET E 6 -10.14 0.09 -20.89
N THR E 7 -11.12 -0.87 -21.44
CA THR E 7 -11.57 -0.95 -22.83
C THR E 7 -13.03 -0.46 -22.87
N CYS E 8 -13.49 0.95 -23.01
CA CYS E 8 -12.75 2.21 -23.12
C CYS E 8 -11.62 2.31 -24.18
N PHE E 9 -10.49 1.37 -24.28
CA PHE E 9 -9.42 1.54 -25.26
C PHE E 9 -9.21 0.36 -26.22
N TYR E 10 -9.87 -0.94 -26.11
CA TYR E 10 -9.58 -2.01 -27.08
C TYR E 10 -10.80 -2.91 -27.35
N HIS E 11 -10.75 -3.86 -28.45
C01 8VH F . -4.18 -5.39 8.96
C02 8VH F . -3.80 -5.80 7.68
C03 8VH F . -3.14 -7.02 7.53
C04 8VH F . -2.85 -7.80 8.63
C05 8VH F . -3.20 -7.37 9.89
C06 8VH F . -3.84 -6.16 10.06
C07 8VH F . -2.72 -7.54 6.14
C08 8VH F . -4.90 -4.04 9.20
C01 8VH G . -11.85 7.77 -19.10
C02 8VH G . -12.16 6.48 -19.49
C03 8VH G . -13.39 5.90 -19.21
C04 8VH G . -14.34 6.65 -18.53
C05 8VH G . -14.05 7.95 -18.16
C06 8VH G . -12.82 8.53 -18.45
C07 8VH G . -13.64 4.46 -19.65
C08 8VH G . -10.46 8.30 -19.49
#